data_7UKN
#
_entry.id   7UKN
#
_cell.length_a   63.535
_cell.length_b   134.664
_cell.length_c   182.950
_cell.angle_alpha   90.000
_cell.angle_beta   90.000
_cell.angle_gamma   90.000
#
_symmetry.space_group_name_H-M   'P 21 21 21'
#
loop_
_entity.id
_entity.type
_entity.pdbx_description
1 polymer 'DNA damage-binding protein 1'
2 polymer 'H-Box Motif of pUL145'
3 water water
#
loop_
_entity_poly.entity_id
_entity_poly.type
_entity_poly.pdbx_seq_one_letter_code
_entity_poly.pdbx_strand_id
1 'polypeptide(L)'
;GAMSYNYVVTAQKPTAVNGCVTGHFTSAEDLNLLIAKNTRLEIYVVTAEGLRPVKEVGMYGKIAVMELFRPKGESKDLLF
ILTAKYNACILEYKQSGESIDIITRAHGNVQDRIGRPSETGIIGIIDPECRMIGLRLYDGLFKVIPLDRDNKELKAFNIR
LEELHVIDVKFLYGCQAPTICFVYQDPQGRHVKTYEVSLREKEFNKGPWKQENVEAEASMVIAVPEPFGGAIIIGQESIT
YHNGDKYLAIAPPIIKQSTIVCHNRVDPNGSRYLLGDMEGRLFMLLLEKEEQMDGTVTLKDLRVELLGETSIAECLTYLD
NGVVFVGSRLGDSQLVKLNVDSNEQGSYVVAMETFTNLGPIVDMCVVDLERQGQGQLVTCSGAFKEGSLRIIRNGIGIHE
HASIDLPGIKGLWPLRSDPNRETDDTLVLSFVGQTRVLMLNGEEVEETELMGFVDDQQTFFCGNVAHQQLIQITSASVRL
VSQEPKALVSEWKEPQAKNISVASCNSSQVVVAVGRALYYLQIHPQELRQISHTEMEHEVACLDITPLGDSNGLSPLCAI
GLWTDISARILKLPSFELLHKEMLGGEIIPRSILMTTFESSHYLLCALGDGALFYFGLNIETGLLSDRKKVTLGTQPTVL
RTFRSLSTTNVFACSDRPTVIYSSNHKLVFSNVNLKEVNYMCPLNSDGYPDSLALANNSTLTIGTIDEIQKLHIRTVPLY
ESPRKICYQEVSQCFGVLSSRIEVQDTSGGTTALRPSASTQALSSSVSSSKLFSSSTAPHETSFGEEVEVHNLLIIDQHT
FEVLHAHQFLQNEYALSLVSCKLGKDPNTYFIVGTAMVYPEEAEPKQGRIVVFQYSDGKLQTVAEKEVKGAVYSMVEFNG
KLLASINSTVRLYEWTTEKELRTECNHYNNIMALYLKTKGDFILVGDLMRSVLLLAYKPMEGNFEEIARDFNPNWMSAVE
ILDDDNFLGAENAFNLFVCQKDSAATTDEERQHLQEVGLFHLGEFVNVFCHGSLVMQNLGETSTPTQGSVLFGTVNGMIG
LVTSLSESWYNLLLDMQNRLNKVIKSVGKIEHSFWRSFHTERKTEPATGFIDGDLIESFLDISRPKMQEVVANLQYDDGS
GMKREATADDLIKVVEELTRIH
;
A
2 'polypeptide(L)' NAVQLLCARTRDG B
#
# COMPACT_ATOMS: atom_id res chain seq x y z
N SER A 4 21.17 11.69 -16.96
CA SER A 4 20.34 10.69 -16.26
C SER A 4 18.85 11.06 -16.22
N TYR A 5 18.03 10.09 -16.64
CA TYR A 5 16.60 10.31 -16.85
C TYR A 5 15.80 9.13 -16.30
N ASN A 6 15.18 9.32 -15.14
CA ASN A 6 14.47 8.26 -14.44
C ASN A 6 12.98 8.56 -14.29
N TYR A 7 12.24 7.48 -14.08
CA TYR A 7 10.78 7.47 -13.97
C TYR A 7 10.45 6.65 -12.74
N VAL A 8 9.77 7.27 -11.76
CA VAL A 8 9.32 6.60 -10.55
C VAL A 8 7.83 6.44 -10.63
N VAL A 9 7.33 5.29 -10.19
CA VAL A 9 5.89 5.06 -10.09
C VAL A 9 5.60 4.08 -8.94
N THR A 10 4.35 4.09 -8.50
CA THR A 10 3.92 3.28 -7.37
C THR A 10 3.34 1.97 -7.86
N ALA A 11 3.89 0.85 -7.37
CA ALA A 11 3.32 -0.46 -7.67
C ALA A 11 2.26 -0.86 -6.65
N GLN A 12 2.43 -0.46 -5.40
CA GLN A 12 1.51 -0.78 -4.32
C GLN A 12 1.43 0.45 -3.44
N LYS A 13 0.25 1.04 -3.30
CA LYS A 13 0.08 2.21 -2.46
C LYS A 13 0.43 1.89 -0.99
N PRO A 14 0.79 2.91 -0.19
CA PRO A 14 1.13 2.67 1.22
C PRO A 14 -0.05 2.12 2.03
N THR A 15 0.26 1.21 2.94
CA THR A 15 -0.74 0.39 3.60
C THR A 15 -0.88 0.70 5.08
N ALA A 16 0.17 1.25 5.70
CA ALA A 16 0.23 1.50 7.13
C ALA A 16 -0.62 2.71 7.48
N VAL A 17 -1.06 2.80 8.73
CA VAL A 17 -2.06 3.79 9.13
C VAL A 17 -1.36 4.76 10.03
N ASN A 18 -1.31 6.03 9.63
CA ASN A 18 -0.73 7.11 10.41
C ASN A 18 -1.74 7.74 11.36
N GLY A 19 -3.03 7.64 11.01
CA GLY A 19 -4.07 8.41 11.67
C GLY A 19 -5.50 8.05 11.28
N CYS A 20 -6.40 8.19 12.23
CA CYS A 20 -7.79 7.92 11.92
C CYS A 20 -8.61 8.77 12.85
N VAL A 21 -9.74 9.21 12.32
CA VAL A 21 -10.58 10.23 12.91
C VAL A 21 -12.00 9.88 12.54
N THR A 22 -12.92 10.20 13.43
CA THR A 22 -14.33 9.82 13.27
C THR A 22 -15.22 11.05 13.46
N GLY A 23 -16.18 11.23 12.56
CA GLY A 23 -17.05 12.39 12.65
C GLY A 23 -18.10 12.40 11.56
N HIS A 24 -18.68 13.58 11.33
CA HIS A 24 -19.80 13.77 10.39
C HIS A 24 -19.34 14.63 9.22
N PHE A 25 -18.56 14.02 8.32
CA PHE A 25 -17.86 14.69 7.25
C PHE A 25 -18.65 14.66 5.94
N THR A 26 -19.19 13.49 5.56
CA THR A 26 -19.96 13.38 4.33
C THR A 26 -21.34 14.01 4.47
N SER A 27 -22.00 13.82 5.61
CA SER A 27 -23.31 14.42 5.86
C SER A 27 -23.42 14.74 7.34
N ALA A 28 -24.58 15.27 7.74
CA ALA A 28 -24.80 15.48 9.18
C ALA A 28 -25.15 14.18 9.89
N GLU A 29 -25.89 13.30 9.21
CA GLU A 29 -26.38 12.05 9.77
C GLU A 29 -25.51 10.86 9.41
N ASP A 30 -24.48 11.03 8.61
CA ASP A 30 -23.53 9.96 8.34
C ASP A 30 -22.47 9.95 9.44
N LEU A 31 -22.02 8.75 9.82
CA LEU A 31 -20.87 8.59 10.71
C LEU A 31 -19.71 8.06 9.89
N ASN A 32 -18.65 8.85 9.78
CA ASN A 32 -17.54 8.56 8.89
C ASN A 32 -16.33 8.09 9.67
N LEU A 33 -15.55 7.25 9.01
CA LEU A 33 -14.21 6.91 9.43
C LEU A 33 -13.27 7.50 8.39
N LEU A 34 -12.36 8.36 8.84
CA LEU A 34 -11.33 8.88 7.95
C LEU A 34 -10.00 8.26 8.35
N ILE A 35 -9.31 7.69 7.38
CA ILE A 35 -8.03 7.04 7.61
C ILE A 35 -6.95 7.74 6.80
N ALA A 36 -5.86 8.12 7.47
CA ALA A 36 -4.63 8.59 6.81
C ALA A 36 -3.66 7.42 6.66
N LYS A 37 -3.49 6.94 5.43
CA LYS A 37 -2.19 6.44 4.99
C LYS A 37 -1.37 7.62 4.52
N ASN A 38 -0.10 7.39 4.27
CA ASN A 38 0.88 8.46 4.15
C ASN A 38 0.35 9.67 3.35
N THR A 39 0.23 9.50 2.03
CA THR A 39 -0.27 10.52 1.12
C THR A 39 -1.70 10.27 0.69
N ARG A 40 -2.36 9.26 1.25
CA ARG A 40 -3.71 8.88 0.84
C ARG A 40 -4.64 9.14 2.00
N LEU A 41 -5.82 9.66 1.69
CA LEU A 41 -6.83 9.89 2.70
C LEU A 41 -8.04 9.05 2.32
N GLU A 42 -8.46 8.15 3.21
CA GLU A 42 -9.58 7.25 2.96
C GLU A 42 -10.81 7.76 3.71
N ILE A 43 -11.96 7.68 3.07
CA ILE A 43 -13.24 8.14 3.64
C ILE A 43 -14.27 7.01 3.59
N TYR A 44 -14.79 6.63 4.76
CA TYR A 44 -15.79 5.57 4.89
C TYR A 44 -17.07 6.09 5.54
N VAL A 45 -18.14 5.32 5.40
CA VAL A 45 -19.37 5.49 6.16
C VAL A 45 -19.59 4.22 6.96
N VAL A 46 -20.01 4.38 8.21
CA VAL A 46 -20.18 3.25 9.13
C VAL A 46 -21.56 2.64 8.95
N THR A 47 -21.62 1.31 8.76
CA THR A 47 -22.84 0.66 8.34
C THR A 47 -23.45 -0.10 9.55
N ALA A 48 -23.01 -1.32 9.81
CA ALA A 48 -23.72 -2.26 10.66
C ALA A 48 -22.98 -3.60 10.60
N GLY A 50 -19.99 -2.80 9.52
CA GLY A 50 -18.90 -2.72 8.56
C GLY A 50 -18.59 -1.31 8.08
N LEU A 51 -18.04 -1.18 6.88
CA LEU A 51 -17.60 0.11 6.35
C LEU A 51 -17.92 0.21 4.87
N ARG A 52 -18.78 1.15 4.49
CA ARG A 52 -18.99 1.40 3.07
C ARG A 52 -17.99 2.43 2.57
N PRO A 53 -17.15 2.11 1.58
CA PRO A 53 -16.20 3.09 1.06
C PRO A 53 -16.89 4.11 0.16
N VAL A 54 -16.49 5.38 0.29
CA VAL A 54 -17.08 6.46 -0.51
C VAL A 54 -16.02 7.18 -1.35
N LYS A 55 -14.87 7.52 -0.75
CA LYS A 55 -13.89 8.31 -1.49
C LYS A 55 -12.51 8.06 -0.95
N GLU A 56 -11.58 7.73 -1.84
CA GLU A 56 -10.15 7.76 -1.53
C GLU A 56 -9.51 8.84 -2.40
N VAL A 57 -8.79 9.77 -1.77
CA VAL A 57 -8.05 10.80 -2.47
C VAL A 57 -6.55 10.64 -2.14
N GLY A 58 -5.74 11.33 -2.91
CA GLY A 58 -4.33 11.45 -2.63
C GLY A 58 -3.98 12.92 -2.51
N MET A 59 -3.05 13.22 -1.61
CA MET A 59 -2.52 14.55 -1.44
C MET A 59 -1.07 14.58 -1.89
N TYR A 60 -0.56 15.80 -2.02
CA TYR A 60 0.86 16.03 -2.33
C TYR A 60 1.63 16.33 -1.04
N GLY A 61 1.59 15.37 -0.13
CA GLY A 61 2.30 15.54 1.10
C GLY A 61 2.02 14.38 2.02
N LYS A 62 2.98 14.15 2.92
CA LYS A 62 2.75 13.26 4.04
C LYS A 62 1.77 13.91 5.03
N ILE A 63 0.61 13.30 5.24
CA ILE A 63 -0.34 13.84 6.21
C ILE A 63 0.23 13.70 7.62
N ALA A 64 0.57 14.84 8.25
CA ALA A 64 1.10 14.87 9.62
C ALA A 64 0.01 15.09 10.67
N VAL A 65 -1.05 15.79 10.31
CA VAL A 65 -2.11 16.22 11.23
C VAL A 65 -3.44 16.09 10.50
N MET A 66 -4.44 15.56 11.19
CA MET A 66 -5.76 15.43 10.57
C MET A 66 -6.81 15.39 11.68
N GLU A 67 -7.62 16.45 11.80
CA GLU A 67 -8.75 16.39 12.71
C GLU A 67 -9.94 17.14 12.11
N LEU A 68 -11.14 16.63 12.39
CA LEU A 68 -12.40 17.28 12.01
C LEU A 68 -12.82 18.28 13.07
N PHE A 69 -13.56 19.30 12.64
CA PHE A 69 -14.09 20.33 13.53
C PHE A 69 -15.34 20.90 12.86
N ARG A 70 -16.17 21.62 13.67
CA ARG A 70 -17.34 22.26 13.06
C ARG A 70 -17.55 23.68 13.57
N PRO A 71 -17.33 24.67 12.72
CA PRO A 71 -17.52 26.07 13.13
C PRO A 71 -18.99 26.39 13.38
N LYS A 72 -19.22 27.57 13.95
CA LYS A 72 -20.58 28.01 14.20
C LYS A 72 -21.33 28.11 12.88
N GLY A 73 -22.57 27.61 12.87
CA GLY A 73 -23.37 27.65 11.67
C GLY A 73 -22.70 26.97 10.50
N GLU A 74 -22.26 25.74 10.71
CA GLU A 74 -21.74 24.90 9.64
C GLU A 74 -22.57 23.64 9.54
N SER A 75 -23.12 23.41 8.34
CA SER A 75 -23.99 22.27 8.06
C SER A 75 -23.39 20.96 8.58
N LYS A 76 -22.17 20.63 8.11
CA LYS A 76 -21.43 19.41 8.45
C LYS A 76 -20.01 19.80 8.86
N ASP A 77 -19.20 18.81 9.22
CA ASP A 77 -17.84 19.08 9.69
C ASP A 77 -16.88 19.38 8.55
N LEU A 78 -15.87 20.20 8.86
CA LEU A 78 -14.75 20.56 8.01
C LEU A 78 -13.52 19.77 8.45
N LEU A 79 -12.59 19.58 7.53
CA LEU A 79 -11.43 18.75 7.82
C LEU A 79 -10.16 19.59 7.77
N PHE A 80 -9.37 19.55 8.85
CA PHE A 80 -8.08 20.26 8.88
C PHE A 80 -6.96 19.26 8.62
N ILE A 81 -6.13 19.51 7.62
CA ILE A 81 -5.00 18.64 7.32
C ILE A 81 -3.72 19.47 7.30
N LEU A 82 -2.65 18.90 7.84
CA LEU A 82 -1.33 19.51 7.75
C LEU A 82 -0.33 18.46 7.30
N THR A 83 0.44 18.78 6.26
CA THR A 83 1.50 17.91 5.78
C THR A 83 2.85 18.21 6.46
N ALA A 84 3.78 17.25 6.33
CA ALA A 84 5.07 17.38 6.99
C ALA A 84 5.88 18.52 6.40
N LYS A 85 5.71 18.81 5.07
CA LYS A 85 6.32 20.00 4.44
C LYS A 85 5.57 21.30 4.80
N TYR A 86 4.62 21.18 5.72
CA TYR A 86 3.99 22.30 6.41
C TYR A 86 2.90 22.95 5.56
N ASN A 87 2.24 22.17 4.70
CA ASN A 87 1.06 22.64 3.99
C ASN A 87 -0.15 22.45 4.90
N ALA A 88 -0.86 23.54 5.17
CA ALA A 88 -2.11 23.51 5.92
C ALA A 88 -3.31 23.68 4.98
N CYS A 89 -4.41 23.02 5.31
CA CYS A 89 -5.63 23.25 4.54
C CYS A 89 -6.85 22.81 5.33
N ILE A 90 -7.99 23.36 4.93
CA ILE A 90 -9.29 22.99 5.46
C ILE A 90 -10.10 22.44 4.30
N LEU A 91 -10.51 21.18 4.39
CA LEU A 91 -11.28 20.57 3.32
C LEU A 91 -12.74 20.35 3.71
N GLU A 92 -13.63 20.54 2.72
CA GLU A 92 -15.05 20.26 2.81
C GLU A 92 -15.41 19.13 1.83
N TYR A 93 -16.42 18.35 2.20
CA TYR A 93 -16.96 17.31 1.35
C TYR A 93 -18.19 17.85 0.62
N LYS A 94 -18.14 17.92 -0.72
CA LYS A 94 -19.28 18.33 -1.54
C LYS A 94 -19.62 17.21 -2.53
N GLN A 95 -20.86 16.73 -2.48
CA GLN A 95 -21.33 15.68 -3.39
C GLN A 95 -22.53 16.21 -4.16
N SER A 96 -22.29 16.87 -5.28
CA SER A 96 -23.39 17.40 -6.09
C SER A 96 -23.76 16.37 -7.17
N GLY A 97 -24.40 15.29 -6.70
CA GLY A 97 -25.01 14.30 -7.58
C GLY A 97 -24.27 12.99 -7.73
N GLU A 98 -23.82 12.70 -8.95
CA GLU A 98 -23.00 11.54 -9.26
C GLU A 98 -21.53 11.77 -8.95
N SER A 99 -21.20 13.02 -8.65
CA SER A 99 -19.83 13.50 -8.56
C SER A 99 -19.49 13.81 -7.11
N ILE A 100 -18.22 13.63 -6.78
CA ILE A 100 -17.72 13.88 -5.44
C ILE A 100 -16.39 14.60 -5.55
N ASP A 101 -16.28 15.75 -4.87
CA ASP A 101 -15.09 16.58 -4.87
C ASP A 101 -14.71 16.83 -3.42
N ILE A 102 -13.43 16.77 -3.11
CA ILE A 102 -12.91 17.28 -1.84
C ILE A 102 -12.38 18.67 -2.14
N ILE A 103 -13.18 19.69 -1.80
CA ILE A 103 -12.91 21.06 -2.20
C ILE A 103 -12.20 21.78 -1.06
N THR A 104 -11.31 22.67 -1.44
CA THR A 104 -10.38 23.30 -0.50
C THR A 104 -10.98 24.63 -0.06
N ARG A 105 -11.36 24.72 1.22
CA ARG A 105 -11.94 25.93 1.79
C ARG A 105 -10.88 26.99 2.09
N ALA A 106 -9.71 26.57 2.56
CA ALA A 106 -8.60 27.48 2.84
C ALA A 106 -7.29 26.71 2.75
N HIS A 107 -6.20 27.43 2.52
CA HIS A 107 -4.90 26.78 2.31
C HIS A 107 -3.75 27.77 2.45
N GLY A 108 -2.62 27.25 2.92
CA GLY A 108 -1.44 28.06 3.14
C GLY A 108 -0.29 27.26 3.70
N ASN A 109 0.94 27.71 3.49
CA ASN A 109 2.09 27.05 4.09
C ASN A 109 2.48 27.77 5.37
N VAL A 110 2.55 27.04 6.46
CA VAL A 110 2.75 27.62 7.79
C VAL A 110 4.16 27.35 8.32
N GLN A 111 5.14 27.18 7.44
CA GLN A 111 6.51 26.98 7.89
C GLN A 111 7.18 28.31 8.18
N ASP A 112 8.06 28.31 9.17
CA ASP A 112 8.99 29.40 9.38
C ASP A 112 10.36 28.92 8.99
N ARG A 113 11.23 29.81 8.51
CA ARG A 113 12.58 29.33 8.22
C ARG A 113 13.50 29.35 9.44
N ILE A 114 13.15 30.04 10.52
CA ILE A 114 13.81 29.81 11.80
C ILE A 114 13.09 28.67 12.52
N GLY A 115 13.81 27.57 12.76
CA GLY A 115 13.17 26.49 13.49
C GLY A 115 13.89 25.16 13.69
N ARG A 116 13.86 24.66 14.94
CA ARG A 116 14.27 23.34 15.41
C ARG A 116 13.09 22.37 15.38
N PRO A 117 12.93 21.53 14.34
CA PRO A 117 11.89 20.50 14.40
C PRO A 117 12.20 19.55 15.53
N SER A 118 11.18 19.26 16.34
CA SER A 118 11.39 18.66 17.66
C SER A 118 11.23 17.14 17.65
N GLU A 119 11.63 16.53 18.77
CA GLU A 119 11.22 15.18 19.12
C GLU A 119 9.78 15.21 19.64
N THR A 120 8.97 14.24 19.18
CA THR A 120 7.49 14.15 19.25
C THR A 120 6.88 14.75 17.99
N GLY A 121 7.71 15.35 17.13
CA GLY A 121 7.37 15.95 15.86
C GLY A 121 6.23 16.95 15.93
N ILE A 122 5.46 16.99 14.83
CA ILE A 122 4.36 17.93 14.73
C ILE A 122 3.24 17.53 15.69
N ILE A 123 2.58 18.52 16.28
CA ILE A 123 1.38 18.32 17.07
C ILE A 123 0.36 19.35 16.61
N GLY A 124 -0.84 18.88 16.29
CA GLY A 124 -1.82 19.79 15.73
C GLY A 124 -3.11 19.70 16.50
N ILE A 125 -3.53 20.80 17.12
CA ILE A 125 -4.69 20.75 17.98
C ILE A 125 -5.64 21.90 17.70
N ILE A 126 -6.93 21.63 17.91
CA ILE A 126 -8.01 22.60 17.72
C ILE A 126 -8.76 22.80 19.03
N ASP A 127 -9.18 24.04 19.26
CA ASP A 127 -9.96 24.46 20.40
C ASP A 127 -11.35 23.84 20.39
N PRO A 128 -11.85 23.47 21.57
CA PRO A 128 -13.29 23.10 21.67
C PRO A 128 -14.27 24.12 21.08
N GLU A 129 -14.13 25.41 21.40
CA GLU A 129 -15.03 26.39 20.79
C GLU A 129 -14.69 26.67 19.31
N CYS A 130 -13.72 25.93 18.75
CA CYS A 130 -13.34 26.03 17.33
C CYS A 130 -12.92 27.44 16.94
N ARG A 131 -12.44 28.22 17.91
CA ARG A 131 -12.01 29.58 17.63
C ARG A 131 -10.60 29.64 17.07
N MET A 132 -9.90 28.52 16.95
CA MET A 132 -8.45 28.60 16.79
C MET A 132 -7.84 27.22 16.58
N ILE A 133 -6.70 27.21 15.87
CA ILE A 133 -5.89 26.01 15.66
C ILE A 133 -4.53 26.25 16.28
N GLY A 134 -4.03 25.26 17.01
CA GLY A 134 -2.71 25.35 17.60
C GLY A 134 -1.74 24.31 17.09
N LEU A 135 -0.54 24.74 16.76
CA LEU A 135 0.49 23.88 16.22
C LEU A 135 1.76 24.00 17.05
N ARG A 136 2.39 22.88 17.34
CA ARG A 136 3.75 22.88 17.81
C ARG A 136 4.60 22.28 16.69
N LEU A 137 5.24 23.14 15.90
CA LEU A 137 6.17 22.67 14.89
C LEU A 137 7.61 22.65 15.36
N TYR A 138 8.07 23.70 16.04
CA TYR A 138 9.47 23.84 16.40
C TYR A 138 9.59 24.07 17.90
N ASP A 139 10.76 23.77 18.47
CA ASP A 139 10.97 23.96 19.90
C ASP A 139 10.95 25.44 20.21
N GLY A 140 10.43 25.78 21.39
CA GLY A 140 10.32 27.15 21.83
C GLY A 140 9.36 28.03 21.05
N LEU A 141 8.60 27.49 20.12
CA LEU A 141 7.59 28.28 19.44
C LEU A 141 6.25 27.59 19.57
N PHE A 142 5.19 28.37 19.31
CA PHE A 142 3.82 27.85 19.29
C PHE A 142 3.06 28.67 18.26
N LYS A 143 2.68 28.07 17.15
CA LYS A 143 2.01 28.77 16.06
C LYS A 143 0.49 28.67 16.16
N VAL A 144 -0.19 29.74 15.79
CA VAL A 144 -1.62 29.88 15.99
C VAL A 144 -2.28 30.35 14.70
N ILE A 145 -3.26 29.59 14.21
CA ILE A 145 -4.05 29.95 13.04
C ILE A 145 -5.44 30.37 13.52
N PRO A 146 -5.76 31.67 13.54
CA PRO A 146 -7.08 32.10 14.02
C PRO A 146 -8.17 31.75 13.02
N LEU A 147 -9.23 31.11 13.52
CA LEU A 147 -10.27 30.50 12.68
C LEU A 147 -11.53 31.37 12.60
N ASP A 148 -11.38 32.59 12.06
CA ASP A 148 -12.55 33.31 11.60
C ASP A 148 -12.67 33.09 10.09
N ARG A 149 -13.91 33.17 9.58
CA ARG A 149 -14.11 32.79 8.19
C ARG A 149 -13.34 33.70 7.24
N ASP A 150 -12.93 34.87 7.70
CA ASP A 150 -12.18 35.79 6.84
C ASP A 150 -10.83 35.21 6.44
N ASN A 151 -10.05 34.76 7.42
CA ASN A 151 -8.70 34.27 7.17
C ASN A 151 -8.70 33.01 6.30
N LYS A 152 -8.61 33.20 4.99
CA LYS A 152 -8.69 32.11 4.04
C LYS A 152 -7.33 31.65 3.53
N GLU A 153 -6.30 32.48 3.63
CA GLU A 153 -4.95 32.02 3.34
C GLU A 153 -4.25 31.45 4.57
N LEU A 154 -4.98 31.35 5.70
CA LEU A 154 -4.54 30.68 6.93
C LEU A 154 -3.34 31.38 7.58
N LYS A 155 -3.29 32.70 7.46
CA LYS A 155 -2.17 33.44 8.03
C LYS A 155 -2.09 33.20 9.54
N ALA A 156 -0.85 33.07 10.04
CA ALA A 156 -0.59 32.59 11.39
C ALA A 156 0.43 33.45 12.11
N PHE A 157 0.25 33.57 13.42
CA PHE A 157 1.21 34.23 14.29
C PHE A 157 1.81 33.22 15.25
N ASN A 158 3.05 33.46 15.63
CA ASN A 158 3.78 32.62 16.56
C ASN A 158 3.79 33.28 17.94
N ILE A 159 3.63 32.46 18.96
CA ILE A 159 3.90 32.84 20.35
C ILE A 159 5.15 32.12 20.78
N ARG A 160 5.98 32.80 21.54
CA ARG A 160 7.19 32.10 21.98
C ARG A 160 6.94 31.39 23.30
N LEU A 161 7.27 30.11 23.31
CA LEU A 161 7.04 29.21 24.42
C LEU A 161 8.35 29.05 25.19
N GLU A 162 8.36 29.43 26.47
CA GLU A 162 9.62 29.34 27.20
C GLU A 162 10.02 27.91 27.51
N GLU A 163 9.10 26.94 27.33
CA GLU A 163 9.38 25.53 27.58
C GLU A 163 9.95 24.93 26.30
N LEU A 164 11.22 24.56 26.33
CA LEU A 164 11.97 24.15 25.15
C LEU A 164 11.86 22.66 24.85
N HIS A 165 11.04 21.91 25.60
CA HIS A 165 10.92 20.46 25.38
C HIS A 165 9.50 20.03 25.78
N VAL A 166 8.58 20.12 24.82
CA VAL A 166 7.18 19.79 25.06
C VAL A 166 6.93 18.37 24.59
N ILE A 167 6.15 17.63 25.39
CA ILE A 167 5.85 16.21 25.16
C ILE A 167 4.49 16.04 24.49
N ASP A 168 3.43 16.56 25.12
CA ASP A 168 2.09 16.54 24.53
C ASP A 168 1.39 17.85 24.87
N VAL A 169 0.43 18.25 24.03
CA VAL A 169 -0.45 19.38 24.28
C VAL A 169 -1.86 19.00 23.90
N LYS A 170 -2.82 19.57 24.63
CA LYS A 170 -4.23 19.54 24.26
C LYS A 170 -4.83 20.90 24.60
N PHE A 171 -5.92 21.23 23.94
CA PHE A 171 -6.79 22.27 24.47
C PHE A 171 -7.73 21.63 25.48
N LEU A 172 -8.04 22.36 26.54
CA LEU A 172 -8.96 21.93 27.58
C LEU A 172 -10.38 22.37 27.26
N TYR A 173 -11.33 21.68 27.89
CA TYR A 173 -12.73 22.05 27.83
C TYR A 173 -13.15 22.81 29.09
N GLY A 174 -14.13 23.70 28.91
CA GLY A 174 -14.69 24.40 30.04
C GLY A 174 -13.93 25.61 30.49
N CYS A 175 -13.13 26.20 29.62
CA CYS A 175 -12.29 27.33 29.98
C CYS A 175 -12.82 28.61 29.34
N GLN A 176 -12.83 29.69 30.12
CA GLN A 176 -13.27 31.01 29.64
C GLN A 176 -12.59 31.35 28.32
N ALA A 177 -11.34 31.81 28.44
CA ALA A 177 -10.44 31.94 27.32
C ALA A 177 -9.92 30.56 26.90
N PRO A 178 -9.46 30.43 25.66
CA PRO A 178 -8.88 29.14 25.23
C PRO A 178 -7.61 28.84 25.97
N THR A 179 -7.48 27.59 26.40
CA THR A 179 -6.40 27.20 27.31
C THR A 179 -5.74 25.93 26.82
N ILE A 180 -4.42 25.95 26.76
CA ILE A 180 -3.64 24.77 26.44
C ILE A 180 -3.09 24.20 27.73
N CYS A 181 -3.00 22.87 27.74
CA CYS A 181 -2.50 22.06 28.84
C CYS A 181 -1.42 21.15 28.30
N PHE A 182 -0.23 21.20 28.90
CA PHE A 182 0.84 20.45 28.26
C PHE A 182 1.85 19.96 29.29
N VAL A 183 2.53 18.87 28.92
CA VAL A 183 3.58 18.28 29.72
C VAL A 183 4.93 18.60 29.08
N TYR A 184 5.85 19.15 29.85
CA TYR A 184 7.15 19.49 29.30
C TYR A 184 8.25 18.92 30.18
N GLN A 185 9.49 19.12 29.74
CA GLN A 185 10.66 18.57 30.41
C GLN A 185 11.77 19.59 30.47
N ASP A 186 12.25 19.88 31.68
CA ASP A 186 13.52 20.55 31.90
C ASP A 186 14.37 19.51 32.63
N PRO A 187 15.44 19.89 33.35
CA PRO A 187 15.90 18.99 34.42
C PRO A 187 14.83 18.89 35.48
N GLN A 188 15.17 18.55 36.72
CA GLN A 188 14.14 18.50 37.76
C GLN A 188 13.08 17.43 37.48
N GLY A 189 12.79 17.19 36.20
CA GLY A 189 11.79 16.22 35.78
C GLY A 189 10.76 16.75 34.79
N ARG A 190 9.61 16.08 34.72
CA ARG A 190 8.54 16.49 33.81
C ARG A 190 7.42 17.12 34.61
N HIS A 191 6.73 18.07 33.97
CA HIS A 191 5.79 18.97 34.63
C HIS A 191 4.58 19.19 33.73
N VAL A 192 3.52 19.74 34.33
CA VAL A 192 2.29 20.15 33.65
C VAL A 192 2.09 21.64 33.83
N LYS A 193 2.05 22.38 32.74
CA LYS A 193 1.72 23.78 32.79
C LYS A 193 0.45 24.03 31.99
N THR A 194 -0.21 25.15 32.30
CA THR A 194 -1.36 25.62 31.54
C THR A 194 -1.22 27.10 31.24
N TYR A 195 -1.39 27.46 29.99
CA TYR A 195 -1.47 28.84 29.54
C TYR A 195 -2.84 29.07 28.92
N GLU A 196 -3.32 30.30 28.98
CA GLU A 196 -4.43 30.75 28.18
C GLU A 196 -3.87 31.46 26.95
N VAL A 197 -4.59 31.39 25.84
CA VAL A 197 -4.13 31.98 24.58
C VAL A 197 -5.00 33.20 24.27
N SER A 198 -4.40 34.38 24.34
CA SER A 198 -5.10 35.59 23.93
C SER A 198 -5.03 35.69 22.42
N LEU A 199 -6.19 35.87 21.78
CA LEU A 199 -6.15 36.13 20.35
C LEU A 199 -5.87 37.60 20.06
N ARG A 200 -6.37 38.50 20.90
CA ARG A 200 -6.26 39.92 20.59
C ARG A 200 -4.99 40.56 21.13
N GLU A 201 -4.42 40.07 22.22
CA GLU A 201 -3.12 40.59 22.64
C GLU A 201 -1.97 39.78 22.05
N LYS A 202 -2.27 38.60 21.51
CA LYS A 202 -1.42 37.74 20.67
C LYS A 202 -0.36 36.92 21.42
N GLU A 203 -0.25 36.99 22.74
CA GLU A 203 0.68 36.07 23.42
C GLU A 203 0.06 35.43 24.65
N PHE A 204 0.88 34.78 25.48
CA PHE A 204 0.39 33.86 26.49
C PHE A 204 0.04 34.59 27.78
N ASN A 205 -1.19 34.41 28.25
CA ASN A 205 -1.57 34.78 29.61
C ASN A 205 -1.57 33.51 30.46
N LYS A 206 -1.44 33.69 31.78
CA LYS A 206 -1.29 32.51 32.63
C LYS A 206 -2.64 31.82 32.85
N GLY A 207 -2.59 30.53 33.17
CA GLY A 207 -3.77 29.69 33.08
C GLY A 207 -4.45 29.31 34.38
N PRO A 208 -5.37 28.35 34.29
CA PRO A 208 -6.12 27.91 35.49
C PRO A 208 -5.23 27.30 36.57
N TRP A 209 -4.88 26.02 36.46
CA TRP A 209 -4.11 25.48 37.56
C TRP A 209 -2.61 25.77 37.42
N LYS A 210 -1.94 25.71 38.57
CA LYS A 210 -0.52 25.97 38.67
C LYS A 210 0.28 24.75 38.18
N GLN A 211 1.59 24.94 38.08
CA GLN A 211 2.43 23.91 37.47
C GLN A 211 2.63 22.76 38.45
N GLU A 212 2.14 21.59 38.08
CA GLU A 212 2.30 20.37 38.84
C GLU A 212 3.42 19.52 38.23
N ASN A 213 4.09 18.72 39.08
CA ASN A 213 5.05 17.72 38.63
C ASN A 213 4.36 16.39 38.31
N VAL A 214 4.82 15.72 37.26
CA VAL A 214 4.29 14.43 36.86
C VAL A 214 5.43 13.44 36.64
N GLU A 215 5.03 12.24 36.22
CA GLU A 215 5.93 11.11 36.11
C GLU A 215 7.08 11.36 35.13
N ALA A 216 8.23 10.77 35.46
CA ALA A 216 9.41 10.85 34.62
C ALA A 216 9.11 10.54 33.15
N GLU A 217 8.15 9.66 32.89
CA GLU A 217 7.84 9.25 31.54
C GLU A 217 6.38 9.51 31.15
N ALA A 218 5.77 10.51 31.81
CA ALA A 218 4.45 10.98 31.41
C ALA A 218 4.50 11.48 29.98
N SER A 219 3.65 10.91 29.11
CA SER A 219 3.82 11.10 27.66
C SER A 219 2.57 11.54 26.90
N MET A 220 1.37 11.26 27.40
CA MET A 220 0.15 11.61 26.70
C MET A 220 -0.76 12.45 27.59
N VAL A 221 -1.48 13.37 26.94
CA VAL A 221 -2.44 14.23 27.61
C VAL A 221 -3.79 14.04 26.95
N ILE A 222 -4.75 13.54 27.70
CA ILE A 222 -6.14 13.49 27.24
C ILE A 222 -6.88 14.66 27.86
N ALA A 223 -7.65 15.37 27.07
CA ALA A 223 -8.49 16.45 27.58
C ALA A 223 -9.91 15.90 27.76
N VAL A 224 -10.37 15.88 29.01
CA VAL A 224 -11.70 15.36 29.32
C VAL A 224 -12.76 16.42 29.03
N PRO A 225 -13.90 16.07 28.44
CA PRO A 225 -14.92 17.07 28.09
C PRO A 225 -15.74 17.48 29.31
N GLU A 226 -16.51 18.56 29.11
CA GLU A 226 -16.99 19.46 30.16
C GLU A 226 -17.72 18.85 31.35
N PRO A 227 -18.44 17.72 31.22
CA PRO A 227 -19.05 17.12 32.42
C PRO A 227 -18.04 16.80 33.52
N PHE A 228 -16.78 16.54 33.16
CA PHE A 228 -15.71 16.30 34.13
C PHE A 228 -14.74 17.48 34.16
N GLY A 229 -13.95 17.67 33.09
CA GLY A 229 -13.34 18.97 32.86
C GLY A 229 -11.87 18.99 32.55
N GLY A 230 -11.07 18.23 33.28
CA GLY A 230 -9.64 18.43 33.33
C GLY A 230 -8.86 17.67 32.27
N ALA A 231 -7.65 17.27 32.65
CA ALA A 231 -6.73 16.62 31.74
C ALA A 231 -6.21 15.35 32.39
N ILE A 232 -6.13 14.29 31.60
CA ILE A 232 -5.58 13.02 32.02
C ILE A 232 -4.19 12.88 31.40
N ILE A 233 -3.22 12.53 32.24
CA ILE A 233 -1.82 12.44 31.88
C ILE A 233 -1.44 10.97 31.96
N ILE A 234 -1.07 10.37 30.84
CA ILE A 234 -0.71 8.96 30.84
C ILE A 234 0.81 8.82 30.82
N GLY A 235 1.30 7.97 31.72
CA GLY A 235 2.71 7.64 31.87
C GLY A 235 2.88 6.14 32.00
N GLN A 236 4.05 5.70 32.46
CA GLN A 236 4.35 4.28 32.38
C GLN A 236 3.84 3.49 33.56
N GLU A 237 3.86 4.08 34.74
CA GLU A 237 3.42 3.41 35.95
C GLU A 237 2.08 3.91 36.43
N SER A 238 1.67 5.10 36.00
CA SER A 238 0.56 5.77 36.60
C SER A 238 -0.25 6.46 35.51
N ILE A 239 -1.54 6.57 35.77
CA ILE A 239 -2.46 7.46 35.09
C ILE A 239 -2.95 8.43 36.15
N THR A 240 -2.98 9.73 35.80
CA THR A 240 -3.44 10.72 36.77
C THR A 240 -4.43 11.69 36.12
N TYR A 241 -5.35 12.18 36.95
CA TYR A 241 -6.29 13.22 36.60
C TYR A 241 -5.89 14.54 37.26
N HIS A 242 -6.00 15.62 36.50
CA HIS A 242 -5.63 16.94 36.97
C HIS A 242 -6.75 17.91 36.66
N ASN A 243 -7.15 18.69 37.67
CA ASN A 243 -8.07 19.81 37.45
C ASN A 243 -7.96 20.76 38.64
N GLY A 244 -7.05 21.73 38.53
CA GLY A 244 -7.02 22.82 39.48
C GLY A 244 -6.55 22.42 40.87
N ASP A 245 -7.48 21.98 41.70
CA ASP A 245 -7.13 21.37 42.97
C ASP A 245 -7.52 19.90 43.02
N LYS A 246 -8.12 19.37 41.96
CA LYS A 246 -8.45 17.96 41.89
C LYS A 246 -7.25 17.18 41.36
N TYR A 247 -6.88 16.10 42.07
CA TYR A 247 -5.81 15.21 41.64
C TYR A 247 -6.15 13.79 42.06
N LEU A 248 -6.51 12.93 41.10
CA LEU A 248 -6.60 11.50 41.38
C LEU A 248 -5.49 10.79 40.64
N ALA A 249 -5.11 9.61 41.16
CA ALA A 249 -3.88 8.95 40.72
C ALA A 249 -3.97 7.45 40.98
N ILE A 250 -4.12 6.68 39.91
CA ILE A 250 -4.05 5.23 39.98
C ILE A 250 -2.73 4.77 39.38
N ALA A 251 -2.27 3.61 39.82
CA ALA A 251 -0.98 3.05 39.40
C ALA A 251 -1.10 1.55 39.20
N PRO A 252 -1.99 1.10 38.32
CA PRO A 252 -2.41 -0.31 38.31
C PRO A 252 -1.30 -1.21 37.80
N PRO A 253 -1.13 -2.39 38.39
CA PRO A 253 0.03 -3.22 38.02
C PRO A 253 -0.03 -3.69 36.58
N ILE A 254 -1.22 -3.79 35.98
CA ILE A 254 -1.32 -4.32 34.62
C ILE A 254 -0.45 -3.50 33.67
N ILE A 255 -0.66 -2.17 33.64
CA ILE A 255 -0.07 -1.33 32.59
C ILE A 255 1.43 -1.10 32.75
N LYS A 256 2.05 -1.65 33.80
CA LYS A 256 3.48 -1.49 34.02
C LYS A 256 4.30 -2.04 32.85
N GLN A 257 3.97 -3.27 32.42
CA GLN A 257 4.83 -4.08 31.57
C GLN A 257 4.77 -3.71 30.09
N SER A 258 4.11 -2.62 29.71
CA SER A 258 4.17 -2.12 28.34
C SER A 258 3.63 -0.69 28.28
N THR A 259 4.03 0.00 27.24
CA THR A 259 3.79 1.44 27.15
C THR A 259 2.49 1.72 26.42
N ILE A 260 1.80 2.76 26.87
CA ILE A 260 0.55 3.16 26.22
C ILE A 260 0.89 4.22 25.17
N VAL A 261 0.43 3.99 23.95
CA VAL A 261 0.83 4.83 22.82
C VAL A 261 -0.33 5.58 22.19
N CYS A 262 -1.57 5.09 22.33
CA CYS A 262 -2.71 5.74 21.72
C CYS A 262 -3.91 5.57 22.62
N HIS A 263 -4.89 6.45 22.42
CA HIS A 263 -6.07 6.49 23.24
C HIS A 263 -7.21 6.98 22.38
N ASN A 264 -8.44 6.77 22.85
CA ASN A 264 -9.57 7.36 22.15
C ASN A 264 -10.76 7.45 23.09
N ARG A 265 -11.49 8.56 23.01
CA ARG A 265 -12.69 8.73 23.81
C ARG A 265 -13.80 7.86 23.26
N VAL A 266 -14.39 7.03 24.12
CA VAL A 266 -15.44 6.11 23.69
C VAL A 266 -16.80 6.73 23.92
N ASP A 267 -17.10 7.07 25.17
CA ASP A 267 -18.37 7.70 25.51
C ASP A 267 -18.20 9.22 25.42
N PRO A 268 -19.07 9.90 24.68
CA PRO A 268 -18.89 11.35 24.45
C PRO A 268 -18.75 12.19 25.72
N ASN A 269 -19.48 11.87 26.79
CA ASN A 269 -19.28 12.62 28.03
C ASN A 269 -17.88 12.44 28.59
N GLY A 270 -17.20 11.36 28.21
CA GLY A 270 -15.86 11.11 28.66
C GLY A 270 -15.74 10.04 29.73
N SER A 271 -16.82 9.33 30.04
CA SER A 271 -16.74 8.35 31.11
C SER A 271 -15.78 7.22 30.77
N ARG A 272 -15.67 6.85 29.48
CA ARG A 272 -14.92 5.68 29.05
C ARG A 272 -13.92 6.02 27.94
N TYR A 273 -12.72 5.45 28.05
CA TYR A 273 -11.64 5.68 27.10
C TYR A 273 -10.92 4.38 26.78
N LEU A 274 -10.58 4.20 25.50
CA LEU A 274 -9.78 3.07 25.04
C LEU A 274 -8.31 3.42 25.08
N LEU A 275 -7.51 2.48 25.54
CA LEU A 275 -6.06 2.65 25.59
C LEU A 275 -5.39 1.52 24.82
N GLY A 276 -4.45 1.91 23.95
CA GLY A 276 -3.64 0.98 23.19
C GLY A 276 -2.21 0.94 23.70
N ASP A 277 -1.51 -0.14 23.40
CA ASP A 277 -0.36 -0.58 24.17
C ASP A 277 0.63 -1.32 23.26
N MET A 278 1.93 -1.04 23.43
CA MET A 278 2.95 -1.49 22.46
C MET A 278 2.99 -2.99 22.25
N GLU A 279 2.45 -3.79 23.17
CA GLU A 279 2.40 -5.23 22.96
C GLU A 279 1.02 -5.72 22.52
N GLY A 280 0.17 -4.80 22.08
CA GLY A 280 -1.11 -5.15 21.46
C GLY A 280 -2.30 -5.28 22.39
N ARG A 281 -2.20 -4.86 23.65
CA ARG A 281 -3.33 -4.99 24.55
C ARG A 281 -4.21 -3.74 24.51
N LEU A 282 -5.50 -3.96 24.67
CA LEU A 282 -6.50 -2.92 24.62
C LEU A 282 -7.04 -2.73 26.03
N PHE A 283 -7.09 -1.49 26.49
CA PHE A 283 -7.66 -1.20 27.80
C PHE A 283 -8.87 -0.28 27.68
N MET A 284 -9.76 -0.42 28.67
CA MET A 284 -10.76 0.59 28.94
C MET A 284 -10.35 1.39 30.16
N LEU A 285 -10.34 2.71 30.03
CA LEU A 285 -10.12 3.63 31.12
C LEU A 285 -11.49 4.17 31.53
N LEU A 286 -11.87 3.93 32.78
CA LEU A 286 -13.20 4.24 33.25
C LEU A 286 -13.14 5.36 34.28
N LEU A 287 -13.78 6.46 33.97
CA LEU A 287 -13.96 7.55 34.92
C LEU A 287 -15.28 7.32 35.63
N GLU A 288 -15.22 7.12 36.95
CA GLU A 288 -16.42 6.93 37.74
C GLU A 288 -16.80 8.26 38.34
N LYS A 289 -17.90 8.82 37.86
CA LYS A 289 -18.51 10.01 38.42
C LYS A 289 -19.19 9.69 39.76
N GLU A 290 -19.46 10.74 40.53
CA GLU A 290 -20.20 10.53 41.79
C GLU A 290 -21.37 11.49 42.01
N VAL A 297 -21.18 17.19 39.78
CA VAL A 297 -20.65 16.27 38.76
C VAL A 297 -19.17 16.01 39.03
N THR A 298 -18.88 15.58 40.26
CA THR A 298 -17.52 15.33 40.72
C THR A 298 -16.83 14.19 39.97
N LEU A 299 -15.74 13.66 40.52
CA LEU A 299 -15.08 12.51 39.94
C LEU A 299 -14.34 11.78 41.06
N LYS A 300 -14.74 10.53 41.30
CA LYS A 300 -14.28 9.84 42.50
C LYS A 300 -13.05 8.99 42.23
N ASP A 301 -13.10 8.19 41.17
CA ASP A 301 -12.09 7.17 40.96
C ASP A 301 -11.86 6.97 39.47
N LEU A 302 -10.65 6.52 39.14
CA LEU A 302 -10.26 6.03 37.82
C LEU A 302 -10.06 4.53 37.87
N ARG A 303 -10.48 3.83 36.81
CA ARG A 303 -10.29 2.39 36.73
C ARG A 303 -9.72 2.02 35.37
N VAL A 304 -8.93 0.94 35.33
CA VAL A 304 -8.37 0.39 34.10
C VAL A 304 -8.79 -1.09 34.01
N GLU A 305 -9.48 -1.45 32.94
CA GLU A 305 -9.90 -2.83 32.72
C GLU A 305 -9.30 -3.31 31.41
N LEU A 306 -8.77 -4.52 31.41
CA LEU A 306 -8.13 -5.09 30.23
C LEU A 306 -9.14 -5.82 29.35
N LEU A 307 -9.30 -5.35 28.10
CA LEU A 307 -10.35 -5.86 27.23
C LEU A 307 -9.91 -7.09 26.44
N GLY A 308 -8.69 -7.11 25.94
CA GLY A 308 -8.25 -8.21 25.11
C GLY A 308 -6.96 -7.85 24.40
N GLU A 309 -6.69 -8.55 23.29
CA GLU A 309 -5.54 -8.25 22.46
C GLU A 309 -6.01 -7.87 21.05
N THR A 310 -5.38 -6.85 20.50
CA THR A 310 -5.55 -6.49 19.10
C THR A 310 -4.18 -6.54 18.40
N SER A 311 -4.17 -6.14 17.14
CA SER A 311 -2.86 -5.89 16.60
C SER A 311 -2.35 -4.57 17.16
N ILE A 312 -1.05 -4.32 17.00
CA ILE A 312 -0.39 -3.25 17.72
C ILE A 312 -0.88 -1.91 17.17
N ALA A 313 -1.52 -1.12 18.03
CA ALA A 313 -2.30 0.03 17.58
C ALA A 313 -1.41 1.26 17.45
N GLU A 314 -1.43 1.85 16.27
CA GLU A 314 -0.94 3.20 16.12
C GLU A 314 -2.08 4.19 16.42
N CYS A 315 -3.31 4.04 15.82
CA CYS A 315 -4.47 4.77 16.35
C CYS A 315 -5.58 3.82 16.72
N LEU A 316 -6.55 4.40 17.42
CA LEU A 316 -7.75 3.72 17.88
C LEU A 316 -8.94 4.66 17.68
N THR A 317 -10.05 4.14 17.17
CA THR A 317 -11.24 4.97 17.09
C THR A 317 -12.50 4.10 17.28
N TYR A 318 -13.19 4.35 18.39
CA TYR A 318 -14.53 3.82 18.56
C TYR A 318 -15.44 4.30 17.45
N LEU A 319 -16.24 3.39 16.90
CA LEU A 319 -17.32 3.69 15.97
C LEU A 319 -18.64 3.50 16.72
N ASP A 320 -19.70 3.12 16.03
CA ASP A 320 -20.90 2.87 16.84
C ASP A 320 -20.95 1.42 17.30
N ASN A 321 -21.57 1.22 18.45
CA ASN A 321 -22.15 -0.05 18.80
C ASN A 321 -21.08 -1.13 19.01
N GLY A 322 -20.14 -0.81 19.89
CA GLY A 322 -19.11 -1.74 20.31
C GLY A 322 -18.04 -2.05 19.29
N VAL A 323 -18.02 -1.36 18.15
CA VAL A 323 -17.07 -1.61 17.08
C VAL A 323 -15.95 -0.58 17.15
N VAL A 324 -14.72 -1.08 17.23
CA VAL A 324 -13.51 -0.29 17.30
C VAL A 324 -12.70 -0.53 16.04
N PHE A 325 -12.25 0.54 15.42
CA PHE A 325 -11.29 0.39 14.33
C PHE A 325 -9.88 0.56 14.88
N VAL A 326 -9.06 -0.45 14.68
CA VAL A 326 -7.68 -0.49 15.14
C VAL A 326 -6.76 -0.24 13.94
N GLY A 327 -6.20 0.96 13.87
CA GLY A 327 -5.27 1.24 12.79
C GLY A 327 -3.83 0.90 13.15
N SER A 328 -3.18 0.01 12.40
CA SER A 328 -1.81 -0.38 12.73
C SER A 328 -0.83 0.18 11.71
N ARG A 329 0.40 0.40 12.15
CA ARG A 329 1.50 0.60 11.23
C ARG A 329 2.53 -0.54 11.25
N LEU A 330 2.55 -1.35 12.31
CA LEU A 330 3.41 -2.51 12.38
C LEU A 330 2.72 -3.82 12.03
N GLY A 331 1.41 -3.82 11.78
CA GLY A 331 0.68 -5.05 11.55
C GLY A 331 -0.54 -4.77 10.72
N ASP A 332 -1.36 -5.80 10.50
CA ASP A 332 -2.59 -5.61 9.73
C ASP A 332 -3.56 -4.72 10.53
N SER A 333 -4.30 -3.86 9.83
CA SER A 333 -5.33 -3.08 10.51
C SER A 333 -6.58 -3.92 10.67
N GLN A 334 -7.38 -3.57 11.68
CA GLN A 334 -8.52 -4.43 11.91
C GLN A 334 -9.71 -3.65 12.41
N LEU A 335 -10.87 -4.26 12.16
CA LEU A 335 -12.14 -3.91 12.77
C LEU A 335 -12.42 -4.96 13.84
N VAL A 336 -12.63 -4.53 15.08
CA VAL A 336 -12.91 -5.51 16.15
C VAL A 336 -14.16 -5.13 16.92
N LYS A 337 -14.79 -6.13 17.53
CA LYS A 337 -16.03 -5.94 18.27
C LYS A 337 -15.75 -6.04 19.77
N LEU A 338 -16.18 -5.03 20.52
CA LEU A 338 -16.14 -5.05 21.98
C LEU A 338 -17.41 -5.70 22.52
N ASN A 339 -17.25 -6.74 23.30
CA ASN A 339 -18.39 -7.48 23.81
C ASN A 339 -18.59 -7.25 25.29
N VAL A 340 -19.84 -7.16 25.69
CA VAL A 340 -20.17 -7.07 27.10
C VAL A 340 -19.59 -8.26 27.86
N ASP A 341 -19.71 -9.47 27.29
CA ASP A 341 -19.37 -10.71 27.96
C ASP A 341 -18.06 -11.27 27.43
N SER A 342 -17.18 -11.67 28.34
CA SER A 342 -15.88 -12.22 27.96
C SER A 342 -16.07 -13.55 27.25
N ASN A 343 -15.08 -13.91 26.43
CA ASN A 343 -15.12 -15.22 25.79
C ASN A 343 -14.53 -16.23 26.75
N GLU A 344 -14.27 -17.44 26.24
CA GLU A 344 -13.80 -18.54 27.08
C GLU A 344 -12.43 -18.25 27.70
N GLN A 345 -11.70 -17.26 27.18
CA GLN A 345 -10.35 -16.94 27.61
C GLN A 345 -10.23 -15.56 28.24
N GLY A 346 -11.33 -14.90 28.57
CA GLY A 346 -11.29 -13.60 29.21
C GLY A 346 -11.18 -12.42 28.27
N SER A 347 -11.26 -12.64 26.94
CA SER A 347 -11.18 -11.56 25.96
C SER A 347 -12.57 -10.98 25.69
N TYR A 348 -12.70 -9.67 25.91
CA TYR A 348 -13.88 -8.95 25.43
C TYR A 348 -13.71 -8.49 23.99
N VAL A 349 -12.56 -8.78 23.36
CA VAL A 349 -12.25 -8.34 22.01
C VAL A 349 -12.49 -9.48 21.03
N VAL A 350 -13.01 -9.15 19.85
CA VAL A 350 -13.26 -10.13 18.80
C VAL A 350 -13.04 -9.49 17.44
N ALA A 351 -12.19 -10.09 16.62
CA ALA A 351 -11.90 -9.50 15.32
C ALA A 351 -13.03 -9.80 14.34
N MET A 352 -13.48 -8.78 13.61
CA MET A 352 -14.49 -8.89 12.55
C MET A 352 -13.86 -8.90 11.15
N GLU A 353 -12.91 -8.01 10.90
CA GLU A 353 -12.30 -7.85 9.58
C GLU A 353 -10.82 -7.51 9.77
N THR A 354 -10.02 -7.77 8.75
CA THR A 354 -8.59 -7.58 8.83
C THR A 354 -8.08 -7.02 7.50
N PHE A 355 -7.33 -5.93 7.57
CA PHE A 355 -6.89 -5.18 6.41
C PHE A 355 -5.38 -5.31 6.25
N THR A 356 -4.93 -5.80 5.10
CA THR A 356 -3.54 -6.16 4.95
C THR A 356 -2.64 -4.92 4.91
N ASN A 357 -1.63 -4.94 5.76
CA ASN A 357 -0.55 -3.95 5.79
C ASN A 357 0.75 -4.66 5.41
N LEU A 358 1.36 -4.25 4.29
CA LEU A 358 2.68 -4.81 4.04
C LEU A 358 3.73 -4.19 4.94
N GLY A 359 3.36 -3.21 5.78
CA GLY A 359 3.96 -2.99 7.08
C GLY A 359 5.24 -2.26 6.90
N PRO A 360 6.05 -2.18 7.92
CA PRO A 360 7.45 -1.85 7.64
C PRO A 360 7.97 -2.98 6.78
N ILE A 361 8.29 -2.66 5.53
CA ILE A 361 9.13 -3.54 4.74
C ILE A 361 10.57 -3.29 5.16
N VAL A 362 11.19 -4.26 5.81
CA VAL A 362 12.57 -4.10 6.24
C VAL A 362 13.55 -4.80 5.29
N ASP A 363 13.08 -5.76 4.49
CA ASP A 363 13.88 -6.42 3.46
C ASP A 363 12.95 -7.17 2.51
N MET A 364 13.42 -7.41 1.30
CA MET A 364 12.64 -8.17 0.33
C MET A 364 13.60 -8.78 -0.67
N CYS A 365 13.14 -9.84 -1.37
CA CYS A 365 13.83 -10.29 -2.58
C CYS A 365 12.85 -10.78 -3.64
N VAL A 366 13.32 -10.81 -4.88
CA VAL A 366 12.52 -11.18 -6.05
C VAL A 366 12.89 -12.60 -6.46
N VAL A 367 11.90 -13.46 -6.53
CA VAL A 367 12.10 -14.86 -6.86
C VAL A 367 11.09 -15.27 -7.92
N ASP A 368 11.52 -16.15 -8.84
CA ASP A 368 10.60 -16.82 -9.75
C ASP A 368 10.18 -18.14 -9.12
N LEU A 369 9.34 -18.02 -8.08
CA LEU A 369 9.05 -19.17 -7.22
C LEU A 369 8.32 -20.26 -8.00
N GLU A 370 7.24 -19.90 -8.69
CA GLU A 370 6.40 -20.85 -9.42
C GLU A 370 7.10 -21.29 -10.70
N ARG A 371 8.44 -21.36 -10.65
CA ARG A 371 9.35 -21.51 -11.79
C ARG A 371 8.73 -21.36 -13.18
N GLN A 372 8.03 -20.26 -13.41
CA GLN A 372 7.76 -19.82 -14.78
C GLN A 372 8.50 -18.50 -14.99
N GLY A 373 8.09 -17.67 -15.93
CA GLY A 373 8.82 -16.44 -16.13
C GLY A 373 8.36 -15.21 -15.34
N GLN A 374 7.49 -15.35 -14.32
CA GLN A 374 6.94 -14.20 -13.62
C GLN A 374 7.48 -14.11 -12.19
N GLY A 375 7.97 -12.94 -11.84
CA GLY A 375 8.58 -12.76 -10.53
C GLY A 375 7.58 -12.54 -9.40
N GLN A 376 7.99 -12.98 -8.24
CA GLN A 376 7.23 -12.74 -7.04
C GLN A 376 8.13 -12.06 -6.03
N LEU A 377 7.61 -11.03 -5.40
CA LEU A 377 8.27 -10.40 -4.27
C LEU A 377 8.02 -11.20 -2.99
N VAL A 378 9.04 -11.28 -2.14
CA VAL A 378 8.93 -11.91 -0.83
C VAL A 378 9.52 -10.96 0.19
N THR A 379 8.67 -10.31 0.97
CA THR A 379 9.12 -9.27 1.88
C THR A 379 9.31 -9.79 3.30
N CYS A 380 10.08 -9.02 4.06
CA CYS A 380 10.09 -9.07 5.51
C CYS A 380 9.20 -7.95 5.97
N SER A 381 8.07 -8.28 6.54
CA SER A 381 7.07 -7.29 6.90
C SER A 381 6.85 -7.31 8.40
N GLY A 382 6.60 -6.11 8.95
CA GLY A 382 6.17 -5.99 10.33
C GLY A 382 7.27 -6.10 11.37
N ALA A 383 6.80 -6.12 12.60
CA ALA A 383 7.68 -6.15 13.74
C ALA A 383 6.95 -6.83 14.88
N PHE A 384 7.73 -7.33 15.83
CA PHE A 384 7.20 -7.92 17.06
C PHE A 384 6.18 -8.99 16.71
N LYS A 385 5.03 -9.03 17.39
CA LYS A 385 4.10 -10.12 17.07
C LYS A 385 3.40 -9.96 15.72
N GLU A 386 3.53 -8.82 15.04
CA GLU A 386 2.87 -8.67 13.75
C GLU A 386 3.73 -9.07 12.56
N GLY A 387 5.00 -9.41 12.78
CA GLY A 387 5.92 -9.62 11.67
C GLY A 387 5.63 -10.91 10.91
N SER A 388 5.90 -10.86 9.60
CA SER A 388 5.51 -11.91 8.67
C SER A 388 6.40 -11.84 7.44
N LEU A 389 6.26 -12.83 6.57
CA LEU A 389 6.65 -12.74 5.18
C LEU A 389 5.41 -12.49 4.35
N ARG A 390 5.53 -11.66 3.32
CA ARG A 390 4.48 -11.56 2.32
C ARG A 390 5.01 -12.01 0.96
N ILE A 391 4.34 -12.98 0.36
CA ILE A 391 4.59 -13.36 -1.03
C ILE A 391 3.67 -12.55 -1.93
N ILE A 392 4.24 -11.67 -2.76
CA ILE A 392 3.45 -10.73 -3.55
C ILE A 392 3.58 -11.08 -5.02
N ARG A 393 2.46 -11.45 -5.63
CA ARG A 393 2.42 -11.86 -7.02
C ARG A 393 1.53 -10.90 -7.79
N ASN A 394 1.99 -10.51 -8.96
CA ASN A 394 1.19 -9.70 -9.88
C ASN A 394 0.24 -10.59 -10.67
N GLY A 395 -1.03 -10.17 -10.74
CA GLY A 395 -2.02 -10.77 -11.61
C GLY A 395 -3.08 -11.55 -10.86
N ILE A 396 -4.03 -12.07 -11.63
CA ILE A 396 -5.09 -12.94 -11.14
C ILE A 396 -4.87 -14.32 -11.75
N GLY A 397 -4.62 -15.33 -10.88
CA GLY A 397 -4.34 -16.68 -11.34
C GLY A 397 -5.59 -17.54 -11.34
N ILE A 398 -5.56 -18.60 -12.15
CA ILE A 398 -6.63 -19.58 -12.14
C ILE A 398 -6.02 -20.96 -11.93
N HIS A 399 -6.63 -21.73 -11.03
CA HIS A 399 -6.14 -23.06 -10.71
C HIS A 399 -6.89 -24.10 -11.55
N GLU A 400 -6.15 -24.79 -12.41
CA GLU A 400 -6.75 -25.84 -13.22
C GLU A 400 -7.16 -27.04 -12.37
N HIS A 401 -8.30 -27.65 -12.73
CA HIS A 401 -8.73 -28.92 -12.15
C HIS A 401 -8.96 -30.00 -13.18
N ALA A 402 -9.25 -29.64 -14.43
CA ALA A 402 -9.21 -30.58 -15.54
C ALA A 402 -8.99 -29.77 -16.81
N SER A 403 -8.36 -30.40 -17.80
CA SER A 403 -8.07 -29.71 -19.06
C SER A 403 -8.03 -30.76 -20.17
N ILE A 404 -9.17 -30.93 -20.83
CA ILE A 404 -9.31 -31.79 -22.01
C ILE A 404 -8.63 -31.14 -23.21
N ASP A 405 -7.73 -31.89 -23.87
CA ASP A 405 -6.97 -31.35 -25.01
C ASP A 405 -7.86 -31.42 -26.27
N LEU A 406 -8.83 -30.51 -26.31
CA LEU A 406 -9.85 -30.49 -27.35
C LEU A 406 -9.75 -29.19 -28.16
N PRO A 407 -9.53 -29.22 -29.51
CA PRO A 407 -9.31 -27.98 -30.27
C PRO A 407 -10.59 -27.34 -30.81
N GLY A 408 -10.45 -26.19 -31.45
CA GLY A 408 -11.63 -25.50 -32.00
C GLY A 408 -12.33 -24.67 -30.94
N ILE A 409 -13.60 -24.99 -30.70
CA ILE A 409 -14.46 -24.38 -29.67
C ILE A 409 -14.65 -22.90 -29.94
N LYS A 410 -15.89 -22.50 -30.24
CA LYS A 410 -16.25 -21.10 -30.49
C LYS A 410 -17.41 -20.64 -29.62
N GLY A 411 -17.47 -21.11 -28.39
CA GLY A 411 -18.41 -20.65 -27.40
C GLY A 411 -18.80 -21.77 -26.45
N LEU A 412 -19.19 -21.38 -25.23
CA LEU A 412 -19.68 -22.35 -24.26
C LEU A 412 -20.60 -21.68 -23.24
N TRP A 413 -21.45 -22.50 -22.62
CA TRP A 413 -22.56 -22.07 -21.77
C TRP A 413 -22.80 -23.11 -20.67
N PRO A 414 -23.22 -22.68 -19.48
CA PRO A 414 -23.57 -23.64 -18.43
C PRO A 414 -25.08 -23.80 -18.30
N LEU A 415 -25.52 -24.98 -17.86
CA LEU A 415 -26.94 -25.33 -17.82
C LEU A 415 -27.32 -25.89 -16.46
N ARG A 416 -28.45 -25.42 -15.93
CA ARG A 416 -28.84 -25.79 -14.56
C ARG A 416 -30.11 -26.64 -14.57
N ASN A 420 -33.62 -29.76 -12.90
CA ASN A 420 -34.21 -28.54 -12.35
C ASN A 420 -33.96 -28.34 -10.85
N ARG A 421 -32.69 -28.12 -10.44
CA ARG A 421 -32.40 -27.56 -9.10
C ARG A 421 -30.93 -27.32 -8.75
N GLU A 422 -30.60 -26.05 -8.47
CA GLU A 422 -29.36 -25.48 -7.89
C GLU A 422 -28.06 -25.71 -8.68
N THR A 423 -27.41 -26.85 -8.44
CA THR A 423 -26.21 -27.26 -9.14
C THR A 423 -26.29 -26.92 -10.63
N ASP A 424 -25.16 -26.51 -11.22
CA ASP A 424 -25.05 -26.62 -12.67
C ASP A 424 -24.85 -28.10 -13.04
N ASP A 425 -25.29 -28.48 -14.23
CA ASP A 425 -25.21 -29.91 -14.57
C ASP A 425 -24.50 -30.17 -15.88
N THR A 426 -24.86 -29.40 -16.89
CA THR A 426 -24.41 -29.56 -18.27
C THR A 426 -23.45 -28.43 -18.62
N LEU A 427 -22.74 -28.63 -19.73
CA LEU A 427 -21.82 -27.64 -20.27
C LEU A 427 -21.80 -27.83 -21.78
N VAL A 428 -22.40 -26.89 -22.51
CA VAL A 428 -22.58 -26.96 -23.96
C VAL A 428 -21.41 -26.27 -24.66
N LEU A 429 -20.89 -26.91 -25.71
CA LEU A 429 -19.80 -26.42 -26.55
C LEU A 429 -20.33 -26.04 -27.93
N SER A 430 -19.48 -25.42 -28.75
CA SER A 430 -19.85 -25.08 -30.14
C SER A 430 -18.63 -25.04 -31.05
N PHE A 431 -18.81 -25.57 -32.28
CA PHE A 431 -17.76 -25.68 -33.29
C PHE A 431 -18.36 -25.33 -34.66
N VAL A 432 -17.52 -25.12 -35.68
CA VAL A 432 -18.04 -24.66 -36.99
C VAL A 432 -19.15 -25.59 -37.47
N GLY A 433 -20.37 -25.04 -37.56
CA GLY A 433 -21.53 -25.75 -38.08
C GLY A 433 -22.00 -26.96 -37.28
N GLN A 434 -21.20 -27.38 -36.29
CA GLN A 434 -21.46 -28.52 -35.43
C GLN A 434 -21.69 -28.06 -33.99
N THR A 435 -22.16 -28.99 -33.15
CA THR A 435 -22.42 -28.70 -31.74
C THR A 435 -22.36 -30.00 -30.93
N ARG A 436 -21.26 -30.21 -30.20
CA ARG A 436 -21.19 -31.28 -29.20
C ARG A 436 -21.60 -30.71 -27.84
N VAL A 437 -22.13 -31.58 -26.97
CA VAL A 437 -22.62 -31.17 -25.65
C VAL A 437 -22.02 -32.09 -24.60
N LEU A 438 -21.57 -31.51 -23.49
CA LEU A 438 -20.72 -32.24 -22.54
C LEU A 438 -21.40 -32.39 -21.19
N MET A 439 -21.53 -33.63 -20.77
CA MET A 439 -21.18 -34.04 -19.42
C MET A 439 -20.35 -35.30 -19.64
N LEU A 440 -19.07 -35.23 -19.27
CA LEU A 440 -18.08 -36.25 -19.56
C LEU A 440 -18.57 -37.67 -19.27
N GLN A 458 -24.28 -25.21 -35.51
CA GLN A 458 -23.54 -24.30 -34.62
C GLN A 458 -24.51 -23.55 -33.68
N THR A 459 -24.04 -23.14 -32.50
CA THR A 459 -24.92 -22.62 -31.46
C THR A 459 -24.47 -21.24 -30.99
N PHE A 460 -25.44 -20.33 -30.86
CA PHE A 460 -25.17 -18.97 -30.39
C PHE A 460 -25.53 -18.77 -28.92
N PHE A 461 -26.54 -19.45 -28.38
CA PHE A 461 -26.88 -19.32 -26.96
C PHE A 461 -27.51 -20.61 -26.44
N CYS A 462 -27.39 -20.80 -25.12
CA CYS A 462 -27.90 -21.93 -24.35
C CYS A 462 -28.22 -21.44 -22.95
N GLY A 463 -29.39 -21.78 -22.42
CA GLY A 463 -29.69 -21.20 -21.12
C GLY A 463 -30.84 -21.83 -20.37
N ASN A 464 -31.05 -21.31 -19.15
CA ASN A 464 -32.18 -21.62 -18.28
C ASN A 464 -33.14 -20.45 -18.31
N VAL A 465 -34.37 -20.68 -18.74
CA VAL A 465 -35.31 -19.58 -18.91
C VAL A 465 -36.49 -19.75 -17.97
N ALA A 466 -37.47 -18.85 -18.07
CA ALA A 466 -38.63 -18.85 -17.19
C ALA A 466 -39.41 -20.16 -17.33
N HIS A 467 -40.20 -20.46 -16.28
CA HIS A 467 -40.97 -21.70 -16.17
C HIS A 467 -40.04 -22.90 -16.30
N GLN A 468 -40.32 -23.81 -17.23
CA GLN A 468 -39.33 -24.82 -17.57
C GLN A 468 -38.77 -24.51 -18.95
N GLN A 469 -38.09 -25.51 -19.50
CA GLN A 469 -37.42 -25.49 -20.79
C GLN A 469 -36.15 -24.65 -20.76
N LEU A 470 -35.27 -24.98 -21.68
CA LEU A 470 -33.99 -24.35 -21.89
C LEU A 470 -34.01 -23.77 -23.30
N ILE A 471 -33.19 -22.77 -23.56
CA ILE A 471 -33.11 -22.19 -24.88
C ILE A 471 -31.99 -22.86 -25.67
N GLN A 472 -32.18 -22.96 -26.98
CA GLN A 472 -31.05 -23.28 -27.84
C GLN A 472 -31.27 -22.59 -29.18
N ILE A 473 -30.23 -21.92 -29.68
CA ILE A 473 -30.29 -21.06 -30.86
C ILE A 473 -29.20 -21.53 -31.83
N THR A 474 -29.58 -22.05 -33.00
CA THR A 474 -28.56 -22.58 -33.90
C THR A 474 -28.25 -21.61 -35.05
N SER A 475 -27.23 -22.02 -35.84
CA SER A 475 -26.69 -21.34 -37.01
C SER A 475 -27.77 -20.72 -37.89
N ALA A 476 -28.99 -21.17 -37.66
CA ALA A 476 -30.17 -20.87 -38.45
C ALA A 476 -31.38 -21.44 -37.71
N SER A 477 -32.11 -20.55 -37.02
CA SER A 477 -33.39 -20.80 -36.36
C SER A 477 -33.27 -21.36 -34.93
N VAL A 478 -34.16 -20.93 -34.04
CA VAL A 478 -34.30 -21.62 -32.78
C VAL A 478 -34.75 -23.06 -33.07
N GLU A 494 -38.14 -18.86 -35.35
CA GLU A 494 -37.70 -19.09 -36.73
C GLU A 494 -38.33 -18.11 -37.77
N PRO A 495 -37.49 -17.60 -38.73
CA PRO A 495 -38.01 -16.67 -39.77
C PRO A 495 -38.34 -17.29 -41.12
N GLN A 496 -37.96 -16.62 -42.23
CA GLN A 496 -38.47 -16.98 -43.55
C GLN A 496 -37.42 -17.57 -44.48
N ALA A 497 -36.82 -18.68 -44.03
CA ALA A 497 -35.71 -19.39 -44.67
C ALA A 497 -34.39 -18.65 -44.52
N LYS A 498 -34.35 -17.59 -43.73
CA LYS A 498 -33.16 -16.79 -43.51
C LYS A 498 -32.38 -17.30 -42.29
N ASN A 499 -31.08 -16.96 -42.25
CA ASN A 499 -30.16 -17.42 -41.21
C ASN A 499 -30.05 -16.38 -40.09
N ILE A 500 -30.30 -16.81 -38.84
CA ILE A 500 -29.95 -15.96 -37.70
C ILE A 500 -28.45 -15.69 -37.73
N SER A 501 -28.07 -14.43 -37.51
CA SER A 501 -26.67 -14.06 -37.50
C SER A 501 -26.15 -13.61 -36.13
N VAL A 502 -27.00 -13.12 -35.24
CA VAL A 502 -26.59 -12.68 -33.91
C VAL A 502 -27.74 -12.96 -32.93
N ALA A 503 -27.41 -13.44 -31.73
CA ALA A 503 -28.41 -13.80 -30.74
C ALA A 503 -28.16 -13.06 -29.43
N SER A 504 -29.19 -13.01 -28.59
CA SER A 504 -29.08 -12.48 -27.22
C SER A 504 -30.27 -12.97 -26.41
N CYS A 505 -30.10 -13.01 -25.08
CA CYS A 505 -31.11 -13.64 -24.22
C CYS A 505 -30.87 -13.29 -22.75
N ASN A 506 -31.96 -13.26 -21.97
CA ASN A 506 -31.94 -13.25 -20.49
C ASN A 506 -32.91 -14.29 -19.93
N SER A 507 -33.44 -14.09 -18.72
CA SER A 507 -34.33 -15.10 -18.12
C SER A 507 -35.72 -15.12 -18.75
N SER A 508 -36.14 -14.04 -19.40
CA SER A 508 -37.52 -13.93 -19.80
C SER A 508 -37.73 -13.36 -21.19
N GLN A 509 -36.70 -12.80 -21.84
CA GLN A 509 -36.84 -12.15 -23.14
C GLN A 509 -35.73 -12.60 -24.08
N VAL A 510 -35.98 -12.52 -25.39
CA VAL A 510 -35.04 -13.00 -26.41
C VAL A 510 -35.09 -12.11 -27.65
N VAL A 511 -33.91 -11.64 -28.08
CA VAL A 511 -33.75 -10.82 -29.28
C VAL A 511 -32.75 -11.52 -30.21
N VAL A 512 -33.17 -11.79 -31.45
CA VAL A 512 -32.30 -12.34 -32.48
C VAL A 512 -32.17 -11.33 -33.61
N ALA A 513 -31.14 -11.51 -34.43
CA ALA A 513 -30.91 -10.62 -35.55
C ALA A 513 -30.61 -11.43 -36.80
N VAL A 514 -31.38 -11.19 -37.84
CA VAL A 514 -31.20 -11.79 -39.15
C VAL A 514 -30.81 -10.67 -40.11
N GLY A 515 -29.51 -10.57 -40.40
CA GLY A 515 -28.98 -9.49 -41.22
C GLY A 515 -29.12 -8.17 -40.49
N ARG A 516 -29.92 -7.25 -41.02
CA ARG A 516 -30.23 -6.00 -40.32
C ARG A 516 -31.59 -6.05 -39.64
N ALA A 517 -32.30 -7.18 -39.72
CA ALA A 517 -33.61 -7.34 -39.11
C ALA A 517 -33.48 -7.76 -37.66
N LEU A 518 -34.33 -7.19 -36.81
CA LEU A 518 -34.43 -7.60 -35.41
C LEU A 518 -35.83 -8.15 -35.13
N TYR A 519 -35.90 -9.06 -34.16
CA TYR A 519 -37.15 -9.61 -33.66
C TYR A 519 -37.09 -9.60 -32.13
N TYR A 520 -38.25 -9.46 -31.49
CA TYR A 520 -38.35 -9.47 -30.03
C TYR A 520 -39.26 -10.62 -29.62
N LEU A 521 -38.70 -11.59 -28.89
CA LEU A 521 -39.40 -12.77 -28.42
C LEU A 521 -39.60 -12.67 -26.91
N GLN A 522 -40.65 -13.34 -26.41
CA GLN A 522 -40.87 -13.50 -24.97
C GLN A 522 -41.17 -14.97 -24.65
N ILE A 523 -40.68 -15.40 -23.48
CA ILE A 523 -40.73 -16.80 -23.02
C ILE A 523 -42.02 -17.01 -22.23
N HIS A 524 -42.88 -17.89 -22.73
CA HIS A 524 -44.17 -18.19 -22.12
C HIS A 524 -44.41 -19.70 -22.13
N PRO A 525 -45.29 -20.22 -21.22
CA PRO A 525 -45.24 -21.65 -20.83
C PRO A 525 -45.31 -22.78 -21.87
N GLN A 526 -45.24 -22.50 -23.18
CA GLN A 526 -44.59 -23.43 -24.13
C GLN A 526 -44.42 -22.74 -25.49
N GLU A 527 -43.14 -22.59 -25.88
CA GLU A 527 -42.64 -21.95 -27.09
C GLU A 527 -42.89 -20.43 -27.07
N LEU A 528 -42.23 -19.76 -28.00
CA LEU A 528 -41.87 -18.36 -27.90
C LEU A 528 -42.73 -17.53 -28.84
N ARG A 529 -43.46 -16.57 -28.28
CA ARG A 529 -44.36 -15.73 -29.05
C ARG A 529 -43.62 -14.48 -29.47
N GLN A 530 -43.69 -14.13 -30.77
CA GLN A 530 -42.97 -12.98 -31.28
C GLN A 530 -43.69 -11.68 -30.95
N ILE A 531 -42.94 -10.70 -30.47
CA ILE A 531 -43.50 -9.46 -29.96
C ILE A 531 -43.30 -8.34 -30.98
N SER A 532 -42.04 -8.00 -31.27
CA SER A 532 -41.68 -6.84 -32.08
C SER A 532 -40.91 -7.25 -33.33
N HIS A 533 -40.80 -6.28 -34.24
CA HIS A 533 -40.12 -6.46 -35.52
C HIS A 533 -39.66 -5.09 -36.00
N THR A 534 -38.38 -4.97 -36.31
CA THR A 534 -37.79 -3.74 -36.84
C THR A 534 -36.68 -4.13 -37.80
N GLU A 535 -36.31 -3.20 -38.67
CA GLU A 535 -35.12 -3.31 -39.51
C GLU A 535 -34.17 -2.17 -39.16
N MET A 536 -32.91 -2.49 -38.95
CA MET A 536 -31.91 -1.47 -38.62
C MET A 536 -31.33 -0.90 -39.90
N GLU A 537 -30.76 0.31 -39.81
CA GLU A 537 -30.30 0.94 -41.03
C GLU A 537 -29.06 0.26 -41.60
N HIS A 538 -28.29 -0.44 -40.76
CA HIS A 538 -27.11 -1.19 -41.17
C HIS A 538 -27.18 -2.60 -40.59
N GLU A 539 -26.15 -3.39 -40.87
CA GLU A 539 -26.13 -4.78 -40.44
C GLU A 539 -25.81 -4.88 -38.94
N VAL A 540 -26.54 -5.73 -38.24
CA VAL A 540 -26.33 -5.88 -36.80
C VAL A 540 -25.06 -6.68 -36.54
N ALA A 541 -24.21 -6.18 -35.65
CA ALA A 541 -22.95 -6.86 -35.32
C ALA A 541 -23.02 -7.58 -33.97
N CYS A 542 -23.54 -6.93 -32.95
CA CYS A 542 -23.62 -7.56 -31.63
C CYS A 542 -24.78 -6.93 -30.87
N LEU A 543 -25.14 -7.58 -29.76
CA LEU A 543 -26.48 -7.46 -29.20
C LEU A 543 -26.42 -7.81 -27.72
N ASP A 544 -27.05 -6.98 -26.87
CA ASP A 544 -27.13 -7.31 -25.45
C ASP A 544 -28.38 -6.69 -24.85
N ILE A 545 -28.97 -7.41 -23.88
CA ILE A 545 -30.18 -6.97 -23.20
C ILE A 545 -30.12 -7.35 -21.72
N THR A 546 -29.00 -7.05 -21.06
CA THR A 546 -28.80 -7.42 -19.66
C THR A 546 -29.81 -6.71 -18.76
N PRO A 547 -30.60 -7.44 -17.95
CA PRO A 547 -31.71 -6.85 -17.17
C PRO A 547 -31.27 -6.03 -15.95
N SER A 555 -36.64 -5.82 -18.39
CA SER A 555 -35.65 -5.30 -19.34
C SER A 555 -36.22 -4.21 -20.24
N PRO A 556 -35.96 -2.94 -19.94
CA PRO A 556 -36.52 -1.82 -20.71
C PRO A 556 -35.63 -1.29 -21.83
N LEU A 557 -34.44 -1.87 -22.04
CA LEU A 557 -33.48 -1.33 -23.00
C LEU A 557 -32.88 -2.44 -23.85
N CYS A 558 -32.17 -2.03 -24.90
CA CYS A 558 -31.51 -2.97 -25.81
C CYS A 558 -30.29 -2.33 -26.46
N ALA A 559 -29.12 -2.84 -26.10
CA ALA A 559 -27.86 -2.42 -26.67
C ALA A 559 -27.58 -3.15 -27.97
N ILE A 560 -27.07 -2.41 -28.95
CA ILE A 560 -26.92 -2.92 -30.30
C ILE A 560 -25.67 -2.31 -30.90
N GLY A 561 -24.90 -3.15 -31.61
CA GLY A 561 -23.74 -2.68 -32.35
C GLY A 561 -23.93 -2.97 -33.83
N LEU A 562 -23.67 -1.98 -34.67
CA LEU A 562 -24.01 -2.03 -36.09
C LEU A 562 -22.75 -2.04 -36.96
N TRP A 563 -22.94 -2.24 -38.26
CA TRP A 563 -21.85 -2.76 -39.09
C TRP A 563 -21.12 -1.73 -39.94
N THR A 564 -21.73 -0.61 -40.30
CA THR A 564 -21.02 0.31 -41.17
C THR A 564 -20.92 1.74 -40.65
N ASP A 565 -21.76 2.14 -39.69
CA ASP A 565 -21.60 3.43 -39.05
C ASP A 565 -20.83 3.32 -37.74
N ILE A 566 -20.35 2.12 -37.41
CA ILE A 566 -19.54 1.86 -36.21
C ILE A 566 -20.24 2.50 -35.02
N SER A 567 -21.48 2.07 -34.81
CA SER A 567 -22.38 2.70 -33.87
C SER A 567 -22.63 1.77 -32.69
N ALA A 568 -22.92 2.36 -31.54
CA ALA A 568 -23.50 1.63 -30.42
C ALA A 568 -24.75 2.38 -30.01
N ARG A 569 -25.87 1.67 -29.92
CA ARG A 569 -27.14 2.32 -29.72
C ARG A 569 -27.91 1.65 -28.61
N ILE A 570 -28.70 2.48 -27.92
CA ILE A 570 -29.67 2.02 -26.93
C ILE A 570 -31.05 2.09 -27.57
N LEU A 571 -31.80 1.00 -27.51
CA LEU A 571 -33.16 0.97 -28.02
C LEU A 571 -34.13 0.65 -26.89
N LYS A 572 -35.28 1.32 -26.90
CA LYS A 572 -36.39 0.96 -26.01
C LYS A 572 -36.88 -0.45 -26.31
N LEU A 573 -37.49 -1.09 -25.32
CA LEU A 573 -38.21 -2.33 -25.56
C LEU A 573 -39.57 -2.25 -24.87
N PRO A 574 -40.65 -2.64 -25.56
CA PRO A 574 -40.62 -3.36 -26.84
C PRO A 574 -40.48 -2.45 -28.07
N SER A 575 -40.59 -1.14 -27.85
CA SER A 575 -40.78 -0.20 -28.96
C SER A 575 -39.70 -0.32 -30.03
N PHE A 576 -38.49 -0.73 -29.65
CA PHE A 576 -37.32 -0.80 -30.53
C PHE A 576 -36.79 0.58 -30.92
N GLU A 577 -37.53 1.64 -30.58
CA GLU A 577 -37.14 3.01 -30.92
C GLU A 577 -35.82 3.38 -30.26
N LEU A 578 -35.18 4.41 -30.80
CA LEU A 578 -33.76 4.70 -30.56
C LEU A 578 -33.61 5.75 -29.46
N LEU A 579 -33.18 5.31 -28.26
CA LEU A 579 -33.01 6.24 -27.15
C LEU A 579 -31.71 7.02 -27.23
N HIS A 580 -30.67 6.46 -27.84
CA HIS A 580 -29.37 7.12 -27.93
C HIS A 580 -28.44 6.39 -28.91
N LYS A 581 -27.91 7.13 -29.89
CA LYS A 581 -26.93 6.64 -30.84
C LYS A 581 -25.59 7.30 -30.54
N GLU A 582 -24.54 6.48 -30.39
CA GLU A 582 -23.20 6.98 -30.13
C GLU A 582 -22.26 6.46 -31.21
N MET A 583 -21.68 7.37 -31.99
CA MET A 583 -20.71 7.01 -33.00
C MET A 583 -19.36 6.72 -32.34
N LEU A 584 -18.88 5.48 -32.44
CA LEU A 584 -17.58 5.12 -31.88
C LEU A 584 -16.42 5.60 -32.72
N GLY A 585 -16.67 6.04 -33.95
CA GLY A 585 -15.60 6.42 -34.86
C GLY A 585 -14.72 5.24 -35.25
N GLY A 586 -13.93 5.41 -36.29
CA GLY A 586 -13.03 4.36 -36.73
C GLY A 586 -13.69 3.47 -37.75
N GLU A 587 -12.92 2.48 -38.18
CA GLU A 587 -13.32 1.59 -39.27
C GLU A 587 -13.16 0.11 -38.89
N ILE A 588 -13.36 -0.22 -37.60
CA ILE A 588 -13.44 -1.59 -37.16
C ILE A 588 -14.75 -1.75 -36.39
N ILE A 589 -15.51 -2.79 -36.74
CA ILE A 589 -16.83 -3.00 -36.16
C ILE A 589 -16.74 -3.47 -34.70
N PRO A 590 -17.80 -3.31 -33.91
CA PRO A 590 -17.81 -3.90 -32.56
C PRO A 590 -18.01 -5.41 -32.62
N ARG A 591 -17.39 -6.12 -31.69
CA ARG A 591 -17.50 -7.57 -31.65
C ARG A 591 -18.37 -8.06 -30.51
N SER A 592 -18.25 -7.47 -29.32
CA SER A 592 -19.23 -7.75 -28.30
C SER A 592 -19.61 -6.45 -27.62
N ILE A 593 -20.86 -6.41 -27.14
CA ILE A 593 -21.42 -5.28 -26.44
C ILE A 593 -22.08 -5.80 -25.16
N LEU A 594 -22.13 -4.95 -24.14
CA LEU A 594 -22.65 -5.39 -22.85
C LEU A 594 -22.89 -4.25 -21.86
N MET A 595 -24.09 -4.24 -21.26
CA MET A 595 -24.44 -3.35 -20.17
C MET A 595 -24.38 -4.11 -18.84
N THR A 596 -23.82 -3.48 -17.81
CA THR A 596 -23.71 -4.15 -16.52
C THR A 596 -23.65 -3.10 -15.41
N THR A 597 -23.37 -3.57 -14.19
CA THR A 597 -23.45 -2.73 -13.01
C THR A 597 -22.24 -3.00 -12.13
N PHE A 598 -21.50 -1.94 -11.84
CA PHE A 598 -20.32 -1.98 -10.99
C PHE A 598 -20.57 -1.04 -9.82
N GLU A 599 -20.60 -1.58 -8.60
CA GLU A 599 -20.68 -0.79 -7.38
C GLU A 599 -21.72 0.31 -7.50
N SER A 600 -22.96 -0.11 -7.77
CA SER A 600 -24.18 0.67 -7.72
C SER A 600 -24.37 1.58 -8.94
N SER A 601 -23.37 1.73 -9.82
CA SER A 601 -23.51 2.55 -11.01
C SER A 601 -23.61 1.68 -12.26
N HIS A 602 -24.18 2.26 -13.31
CA HIS A 602 -24.53 1.57 -14.55
C HIS A 602 -23.61 1.99 -15.68
N TYR A 603 -23.26 1.03 -16.54
CA TYR A 603 -22.26 1.23 -17.58
C TYR A 603 -22.64 0.50 -18.86
N LEU A 604 -22.11 0.99 -19.97
CA LEU A 604 -22.13 0.27 -21.23
C LEU A 604 -20.69 -0.11 -21.61
N LEU A 605 -20.52 -1.30 -22.16
CA LEU A 605 -19.21 -1.79 -22.56
C LEU A 605 -19.30 -2.29 -23.99
N CYS A 606 -18.42 -1.81 -24.85
CA CYS A 606 -18.40 -2.26 -26.23
C CYS A 606 -16.97 -2.61 -26.64
N ALA A 607 -16.72 -3.88 -26.89
CA ALA A 607 -15.43 -4.31 -27.39
C ALA A 607 -15.38 -4.15 -28.89
N LEU A 608 -14.30 -3.56 -29.40
CA LEU A 608 -14.06 -3.48 -30.83
C LEU A 608 -13.10 -4.58 -31.28
N GLY A 609 -13.05 -4.78 -32.59
CA GLY A 609 -12.24 -5.85 -33.16
C GLY A 609 -10.74 -5.63 -33.07
N ASP A 610 -10.29 -4.42 -32.75
CA ASP A 610 -8.87 -4.14 -32.60
C ASP A 610 -8.40 -4.27 -31.15
N GLY A 611 -9.21 -4.88 -30.27
CA GLY A 611 -8.87 -5.03 -28.88
C GLY A 611 -9.17 -3.83 -28.02
N ALA A 612 -9.51 -2.68 -28.60
CA ALA A 612 -9.97 -1.58 -27.78
C ALA A 612 -11.31 -1.93 -27.15
N LEU A 613 -11.55 -1.37 -25.99
CA LEU A 613 -12.88 -1.37 -25.40
C LEU A 613 -13.29 0.07 -25.17
N PHE A 614 -14.60 0.31 -25.27
CA PHE A 614 -15.22 1.55 -24.85
C PHE A 614 -16.05 1.28 -23.60
N TYR A 615 -16.21 2.30 -22.77
CA TYR A 615 -17.18 2.19 -21.71
C TYR A 615 -17.75 3.55 -21.35
N PHE A 616 -19.07 3.56 -21.11
CA PHE A 616 -19.88 4.74 -20.91
C PHE A 616 -20.69 4.56 -19.64
N GLY A 617 -21.41 5.63 -19.25
CA GLY A 617 -22.36 5.55 -18.17
C GLY A 617 -23.78 5.48 -18.72
N LEU A 618 -24.46 4.38 -18.41
CA LEU A 618 -25.83 4.12 -18.84
C LEU A 618 -26.84 4.75 -17.88
N ASN A 619 -27.99 5.18 -18.44
CA ASN A 619 -29.03 5.78 -17.62
C ASN A 619 -30.12 4.79 -17.18
N ILE A 620 -30.52 3.88 -18.07
CA ILE A 620 -31.46 2.77 -17.85
C ILE A 620 -32.90 3.24 -18.01
N GLU A 621 -33.13 4.55 -17.99
CA GLU A 621 -34.42 5.11 -18.32
C GLU A 621 -34.34 6.08 -19.50
N THR A 622 -33.38 7.01 -19.46
CA THR A 622 -33.01 7.86 -20.57
C THR A 622 -32.14 7.14 -21.59
N GLY A 623 -31.43 6.10 -21.16
CA GLY A 623 -30.56 5.38 -22.05
C GLY A 623 -29.40 6.20 -22.57
N LEU A 624 -29.05 7.28 -21.89
CA LEU A 624 -28.01 8.17 -22.36
C LEU A 624 -26.64 7.59 -22.06
N LEU A 625 -25.69 7.84 -22.96
CA LEU A 625 -24.31 7.40 -22.81
C LEU A 625 -23.45 8.60 -22.44
N SER A 626 -22.66 8.43 -21.38
CA SER A 626 -21.92 9.52 -20.76
C SER A 626 -20.48 9.08 -20.53
N ASP A 627 -19.59 10.08 -20.49
CA ASP A 627 -18.18 9.94 -20.08
C ASP A 627 -17.50 8.74 -20.74
N ARG A 628 -17.43 8.82 -22.07
CA ARG A 628 -16.74 7.85 -22.89
C ARG A 628 -15.29 7.74 -22.47
N LYS A 629 -14.87 6.54 -22.09
CA LYS A 629 -13.46 6.26 -21.93
C LYS A 629 -13.08 5.06 -22.79
N LYS A 630 -11.81 4.96 -23.08
CA LYS A 630 -11.32 4.01 -24.07
C LYS A 630 -10.09 3.35 -23.52
N VAL A 631 -10.10 2.02 -23.45
CA VAL A 631 -8.99 1.28 -22.89
C VAL A 631 -8.51 0.27 -23.92
N THR A 632 -7.22 0.27 -24.19
CA THR A 632 -6.58 -0.76 -24.96
C THR A 632 -6.47 -1.98 -24.07
N LEU A 633 -6.74 -3.16 -24.62
CA LEU A 633 -6.40 -4.39 -23.91
C LEU A 633 -6.25 -5.49 -24.95
N GLY A 634 -5.03 -5.69 -25.39
CA GLY A 634 -4.77 -6.73 -26.35
C GLY A 634 -5.02 -6.28 -27.77
N THR A 635 -4.77 -7.21 -28.68
CA THR A 635 -4.70 -6.94 -30.11
C THR A 635 -5.80 -7.62 -30.91
N GLN A 636 -6.28 -8.76 -30.46
CA GLN A 636 -7.34 -9.50 -31.11
C GLN A 636 -8.68 -9.15 -30.47
N PRO A 637 -9.81 -9.41 -31.16
CA PRO A 637 -11.09 -8.89 -30.67
C PRO A 637 -11.54 -9.55 -29.37
N THR A 638 -12.08 -8.72 -28.49
CA THR A 638 -12.45 -9.15 -27.16
C THR A 638 -13.89 -9.65 -27.09
N VAL A 639 -14.09 -10.73 -26.33
CA VAL A 639 -15.41 -11.25 -26.00
C VAL A 639 -15.68 -10.97 -24.51
N LEU A 640 -16.76 -10.25 -24.23
CA LEU A 640 -17.14 -9.85 -22.88
C LEU A 640 -18.06 -10.88 -22.24
N ARG A 641 -17.87 -11.11 -20.94
CA ARG A 641 -18.78 -11.97 -20.21
C ARG A 641 -18.76 -11.68 -18.71
N THR A 642 -19.96 -11.65 -18.12
CA THR A 642 -20.17 -11.43 -16.69
C THR A 642 -19.92 -12.70 -15.90
N PHE A 643 -19.42 -12.53 -14.68
CA PHE A 643 -19.32 -13.60 -13.69
C PHE A 643 -19.26 -12.97 -12.31
N ARG A 644 -19.47 -13.80 -11.27
CA ARG A 644 -19.48 -13.38 -9.87
C ARG A 644 -18.37 -14.02 -9.03
N SER A 645 -17.76 -13.23 -8.16
CA SER A 645 -16.63 -13.65 -7.34
C SER A 645 -17.00 -13.75 -5.85
N LEU A 646 -17.12 -12.60 -5.17
CA LEU A 646 -17.66 -12.57 -3.82
C LEU A 646 -19.17 -12.38 -3.90
N SER A 647 -19.64 -11.24 -3.43
CA SER A 647 -20.95 -10.71 -3.78
C SER A 647 -20.82 -9.58 -4.79
N THR A 648 -19.90 -9.71 -5.76
CA THR A 648 -19.77 -8.75 -6.85
C THR A 648 -19.85 -9.47 -8.20
N THR A 649 -20.47 -8.77 -9.17
CA THR A 649 -20.42 -9.12 -10.59
C THR A 649 -19.26 -8.40 -11.29
N ASN A 650 -18.30 -9.17 -11.84
CA ASN A 650 -17.26 -8.60 -12.71
C ASN A 650 -17.46 -9.09 -14.13
N VAL A 651 -16.56 -8.64 -15.01
CA VAL A 651 -16.59 -9.00 -16.41
C VAL A 651 -15.25 -9.64 -16.79
N PHE A 652 -15.30 -10.82 -17.41
CA PHE A 652 -14.13 -11.46 -17.99
C PHE A 652 -14.06 -11.07 -19.46
N ALA A 653 -13.00 -10.34 -19.81
CA ALA A 653 -12.68 -10.04 -21.19
C ALA A 653 -11.69 -11.06 -21.75
N CYS A 654 -12.03 -11.67 -22.89
CA CYS A 654 -11.14 -12.66 -23.52
C CYS A 654 -10.41 -12.08 -24.74
N SER A 655 -9.12 -11.78 -24.56
CA SER A 655 -8.23 -11.52 -25.69
C SER A 655 -6.93 -12.28 -25.46
N ASP A 656 -5.89 -11.97 -26.25
CA ASP A 656 -4.54 -12.47 -25.98
C ASP A 656 -3.93 -11.83 -24.72
N ARG A 657 -4.68 -10.92 -24.10
CA ARG A 657 -4.41 -10.44 -22.75
C ARG A 657 -5.73 -10.57 -21.98
N PRO A 658 -5.99 -11.73 -21.40
CA PRO A 658 -7.24 -11.92 -20.66
C PRO A 658 -7.29 -11.00 -19.44
N THR A 659 -8.45 -10.38 -19.25
CA THR A 659 -8.61 -9.31 -18.28
C THR A 659 -9.93 -9.47 -17.56
N VAL A 660 -9.94 -9.08 -16.29
CA VAL A 660 -11.14 -9.00 -15.47
C VAL A 660 -11.39 -7.53 -15.19
N ILE A 661 -12.59 -7.05 -15.55
CA ILE A 661 -12.99 -5.67 -15.34
C ILE A 661 -13.82 -5.59 -14.06
N TYR A 662 -13.58 -4.54 -13.27
CA TYR A 662 -14.34 -4.36 -12.04
C TYR A 662 -14.25 -2.90 -11.61
N SER A 663 -14.65 -2.62 -10.37
CA SER A 663 -14.78 -1.26 -9.89
C SER A 663 -14.26 -1.19 -8.46
N SER A 664 -13.22 -0.38 -8.25
CA SER A 664 -12.61 -0.19 -6.94
C SER A 664 -13.16 1.08 -6.30
N ASN A 665 -12.63 2.21 -6.74
CA ASN A 665 -12.97 3.53 -6.19
C ASN A 665 -14.10 4.19 -6.94
N HIS A 666 -15.15 3.45 -7.29
CA HIS A 666 -16.16 3.84 -8.26
C HIS A 666 -15.57 4.23 -9.61
N LYS A 667 -14.28 3.96 -9.80
CA LYS A 667 -13.63 3.91 -11.09
C LYS A 667 -13.43 2.46 -11.48
N LEU A 668 -13.36 2.22 -12.78
CA LEU A 668 -13.20 0.88 -13.31
C LEU A 668 -11.74 0.52 -13.47
N VAL A 669 -11.38 -0.64 -12.97
CA VAL A 669 -10.01 -1.13 -13.06
C VAL A 669 -9.98 -2.35 -13.97
N PHE A 670 -8.84 -2.55 -14.61
CA PHE A 670 -8.59 -3.67 -15.52
C PHE A 670 -7.40 -4.43 -14.98
N SER A 671 -7.55 -5.74 -14.79
CA SER A 671 -6.52 -6.55 -14.16
C SER A 671 -6.31 -7.85 -14.91
N ASN A 672 -5.05 -8.23 -15.06
CA ASN A 672 -4.69 -9.30 -15.96
C ASN A 672 -4.95 -10.68 -15.35
N VAL A 673 -5.42 -11.60 -16.18
CA VAL A 673 -5.42 -13.02 -15.82
C VAL A 673 -4.08 -13.62 -16.25
N ASN A 674 -3.47 -14.39 -15.36
CA ASN A 674 -2.15 -14.95 -15.59
C ASN A 674 -2.24 -16.22 -16.45
N LEU A 675 -2.77 -16.00 -17.66
CA LEU A 675 -3.04 -17.04 -18.64
C LEU A 675 -2.57 -16.55 -19.99
N LYS A 676 -2.18 -17.49 -20.86
CA LYS A 676 -1.53 -17.09 -22.11
C LYS A 676 -2.52 -16.45 -23.05
N GLU A 677 -3.66 -17.10 -23.28
CA GLU A 677 -4.72 -16.60 -24.14
C GLU A 677 -6.00 -17.37 -23.84
N VAL A 678 -7.12 -16.67 -23.78
CA VAL A 678 -8.44 -17.27 -23.58
C VAL A 678 -9.35 -16.75 -24.68
N ASN A 679 -10.14 -17.63 -25.28
CA ASN A 679 -11.03 -17.22 -26.35
C ASN A 679 -12.49 -17.17 -25.95
N TYR A 680 -12.98 -18.10 -25.12
CA TYR A 680 -14.33 -18.07 -24.57
C TYR A 680 -14.28 -18.48 -23.10
N MET A 681 -15.38 -18.26 -22.39
CA MET A 681 -15.40 -18.54 -20.96
C MET A 681 -16.84 -18.47 -20.44
N CYS A 682 -17.11 -19.18 -19.34
CA CYS A 682 -18.40 -19.09 -18.68
C CYS A 682 -18.26 -19.60 -17.24
N PRO A 683 -19.13 -19.17 -16.33
CA PRO A 683 -19.12 -19.68 -14.96
C PRO A 683 -19.75 -21.07 -14.82
N LEU A 684 -19.20 -21.86 -13.89
CA LEU A 684 -19.60 -23.26 -13.73
C LEU A 684 -19.99 -23.59 -12.28
N ASN A 685 -20.51 -24.85 -12.10
CA ASN A 685 -20.74 -25.49 -10.79
C ASN A 685 -20.65 -27.01 -10.85
N SER A 686 -20.30 -27.59 -12.01
CA SER A 686 -20.51 -29.01 -12.34
C SER A 686 -19.50 -29.90 -11.64
N GLY A 688 -13.75 -31.35 -13.45
CA GLY A 688 -13.78 -30.13 -12.66
C GLY A 688 -15.16 -29.84 -12.11
N TYR A 689 -15.25 -29.15 -10.94
CA TYR A 689 -16.52 -29.03 -10.23
C TYR A 689 -16.89 -27.57 -9.90
N PRO A 690 -17.06 -27.13 -8.64
CA PRO A 690 -18.01 -26.04 -8.39
C PRO A 690 -17.35 -24.67 -8.39
N ASP A 691 -18.20 -23.64 -8.32
CA ASP A 691 -17.77 -22.25 -8.14
C ASP A 691 -16.63 -21.89 -9.08
N SER A 692 -16.78 -22.27 -10.34
CA SER A 692 -15.63 -22.38 -11.22
C SER A 692 -15.77 -21.48 -12.45
N LEU A 693 -14.83 -21.69 -13.37
CA LEU A 693 -14.79 -21.03 -14.66
C LEU A 693 -14.36 -22.07 -15.70
N ALA A 694 -15.16 -22.24 -16.72
CA ALA A 694 -14.76 -23.02 -17.89
C ALA A 694 -14.19 -22.07 -18.93
N LEU A 695 -12.99 -22.40 -19.45
CA LEU A 695 -12.25 -21.52 -20.37
C LEU A 695 -11.65 -22.30 -21.52
N ALA A 696 -11.99 -21.91 -22.74
CA ALA A 696 -11.40 -22.51 -23.94
C ALA A 696 -10.39 -21.54 -24.55
N ASN A 697 -9.20 -22.05 -24.88
CA ASN A 697 -8.25 -21.32 -25.69
C ASN A 697 -8.27 -21.88 -27.11
N ASN A 698 -7.29 -21.49 -27.91
CA ASN A 698 -7.27 -21.92 -29.31
C ASN A 698 -7.31 -23.44 -29.42
N SER A 699 -6.46 -24.13 -28.66
CA SER A 699 -6.18 -25.54 -28.93
C SER A 699 -6.38 -26.45 -27.73
N THR A 700 -7.12 -26.03 -26.69
CA THR A 700 -7.66 -26.95 -25.68
C THR A 700 -8.51 -26.21 -24.65
N LEU A 701 -9.37 -26.98 -23.96
CA LEU A 701 -10.23 -26.50 -22.89
C LEU A 701 -9.51 -26.56 -21.54
N THR A 702 -10.19 -26.12 -20.48
CA THR A 702 -9.64 -25.91 -19.14
C THR A 702 -10.77 -25.50 -18.19
N ILE A 703 -10.73 -25.93 -16.94
CA ILE A 703 -11.74 -25.56 -15.94
C ILE A 703 -11.03 -25.35 -14.61
N GLY A 704 -11.52 -24.40 -13.82
CA GLY A 704 -10.94 -24.21 -12.51
C GLY A 704 -11.48 -23.01 -11.77
N THR A 705 -10.91 -22.80 -10.59
CA THR A 705 -11.26 -21.70 -9.71
C THR A 705 -10.43 -20.47 -10.05
N ILE A 706 -10.85 -19.34 -9.52
CA ILE A 706 -10.20 -18.07 -9.81
C ILE A 706 -9.92 -17.33 -8.51
N ASP A 707 -8.77 -16.65 -8.48
CA ASP A 707 -8.24 -15.88 -7.36
C ASP A 707 -9.14 -14.71 -6.98
N GLU A 708 -8.77 -14.04 -5.88
CA GLU A 708 -9.45 -12.81 -5.51
C GLU A 708 -9.24 -11.76 -6.60
N ILE A 709 -10.26 -10.95 -6.83
CA ILE A 709 -10.19 -10.05 -7.97
C ILE A 709 -9.41 -8.82 -7.48
N GLN A 710 -8.11 -8.80 -7.75
CA GLN A 710 -7.22 -7.74 -7.29
C GLN A 710 -6.14 -7.47 -8.33
N LYS A 711 -5.50 -6.31 -8.24
CA LYS A 711 -4.27 -6.15 -9.02
C LYS A 711 -3.13 -7.00 -8.43
N LEU A 712 -2.97 -7.01 -7.11
CA LEU A 712 -1.93 -7.81 -6.47
C LEU A 712 -2.53 -8.94 -5.65
N HIS A 713 -1.95 -10.13 -5.78
CA HIS A 713 -2.21 -11.22 -4.85
C HIS A 713 -1.13 -11.21 -3.77
N ILE A 714 -1.56 -11.18 -2.51
CA ILE A 714 -0.65 -11.25 -1.39
C ILE A 714 -0.96 -12.47 -0.54
N ARG A 715 -0.06 -13.45 -0.55
CA ARG A 715 -0.04 -14.51 0.43
C ARG A 715 0.74 -14.06 1.65
N THR A 716 0.26 -14.40 2.84
CA THR A 716 0.82 -13.92 4.10
C THR A 716 1.26 -15.08 4.99
N VAL A 717 2.50 -15.01 5.48
CA VAL A 717 3.07 -16.08 6.30
C VAL A 717 3.44 -15.54 7.68
N PRO A 718 2.57 -15.68 8.68
CA PRO A 718 2.84 -15.06 9.99
C PRO A 718 3.98 -15.73 10.73
N LEU A 719 4.77 -14.93 11.43
CA LEU A 719 5.93 -15.40 12.16
C LEU A 719 5.85 -15.15 13.66
N TYR A 720 5.12 -14.13 14.12
CA TYR A 720 5.05 -13.74 15.54
C TYR A 720 6.42 -13.36 16.11
N GLU A 721 7.27 -12.76 15.28
CA GLU A 721 8.51 -12.11 15.71
C GLU A 721 8.94 -11.20 14.57
N SER A 722 9.89 -10.30 14.87
CA SER A 722 10.40 -9.37 13.86
C SER A 722 11.35 -10.04 12.90
N PRO A 723 11.01 -10.21 11.61
CA PRO A 723 12.03 -10.62 10.63
C PRO A 723 12.84 -9.43 10.20
N ARG A 724 14.08 -9.69 9.82
CA ARG A 724 14.95 -8.55 9.61
C ARG A 724 15.68 -8.59 8.27
N LYS A 725 15.96 -9.79 7.75
CA LYS A 725 16.63 -9.90 6.46
C LYS A 725 16.18 -11.21 5.82
N ILE A 726 16.22 -11.24 4.48
CA ILE A 726 15.78 -12.42 3.75
C ILE A 726 16.68 -12.66 2.55
N CYS A 727 16.86 -13.93 2.20
CA CYS A 727 17.50 -14.27 0.93
C CYS A 727 17.15 -15.70 0.51
N TYR A 728 17.04 -15.88 -0.79
CA TYR A 728 16.66 -17.15 -1.40
C TYR A 728 17.92 -17.97 -1.69
N GLN A 729 17.88 -19.25 -1.36
CA GLN A 729 18.93 -20.21 -1.72
C GLN A 729 18.27 -21.31 -2.54
N GLU A 730 18.40 -21.20 -3.87
CA GLU A 730 17.63 -22.01 -4.82
C GLU A 730 18.01 -23.50 -4.78
N VAL A 731 19.29 -23.82 -4.58
CA VAL A 731 19.65 -25.23 -4.60
C VAL A 731 18.99 -25.99 -3.45
N SER A 732 18.76 -25.32 -2.32
CA SER A 732 18.04 -25.92 -1.21
C SER A 732 16.54 -25.73 -1.33
N GLN A 733 16.06 -25.07 -2.37
CA GLN A 733 14.67 -24.67 -2.50
C GLN A 733 14.11 -24.22 -1.16
N CYS A 734 14.64 -23.13 -0.62
CA CYS A 734 14.23 -22.64 0.69
C CYS A 734 14.79 -21.24 0.89
N PHE A 735 14.35 -20.60 1.96
CA PHE A 735 14.68 -19.21 2.25
C PHE A 735 15.41 -19.09 3.58
N GLY A 736 16.42 -18.26 3.61
CA GLY A 736 17.04 -17.85 4.87
C GLY A 736 16.42 -16.55 5.32
N VAL A 737 16.00 -16.51 6.59
CA VAL A 737 15.39 -15.33 7.19
C VAL A 737 16.01 -15.07 8.55
N LEU A 738 16.63 -13.91 8.71
CA LEU A 738 17.02 -13.45 10.04
C LEU A 738 15.78 -12.92 10.76
N SER A 739 15.62 -13.30 12.01
CA SER A 739 14.54 -12.83 12.85
C SER A 739 15.01 -12.69 14.29
N SER A 740 14.34 -11.79 15.02
CA SER A 740 14.55 -11.67 16.45
C SER A 740 13.22 -11.71 17.18
N ARG A 741 13.26 -12.18 18.41
CA ARG A 741 12.11 -12.21 19.29
C ARG A 741 12.51 -11.62 20.62
N ILE A 742 11.52 -11.07 21.33
CA ILE A 742 11.74 -10.47 22.63
C ILE A 742 11.54 -11.54 23.69
N GLU A 743 12.45 -11.55 24.68
CA GLU A 743 12.35 -12.38 25.87
C GLU A 743 12.63 -11.50 27.09
N VAL A 744 12.13 -11.90 28.27
CA VAL A 744 12.16 -11.04 29.45
C VAL A 744 12.94 -11.68 30.58
N GLN A 745 13.69 -10.86 31.35
CA GLN A 745 14.50 -11.32 32.48
C GLN A 745 13.64 -12.21 33.38
N ASP A 746 14.11 -13.43 33.57
CA ASP A 746 13.33 -14.50 34.20
C ASP A 746 13.38 -14.35 35.73
N THR A 747 12.93 -15.39 36.44
CA THR A 747 13.35 -15.63 37.82
C THR A 747 14.64 -16.45 37.88
N SER A 748 15.50 -16.31 36.87
CA SER A 748 16.67 -17.15 36.69
C SER A 748 17.66 -16.46 35.74
N THR A 751 16.00 -16.02 31.12
CA THR A 751 15.16 -15.43 30.07
C THR A 751 14.16 -16.43 29.45
N THR A 752 12.87 -16.03 29.44
CA THR A 752 11.75 -16.84 28.97
C THR A 752 11.31 -16.40 27.58
N ALA A 753 10.01 -16.35 27.31
CA ALA A 753 9.51 -15.96 26.00
C ALA A 753 8.01 -15.71 26.08
N LEU A 754 7.59 -14.51 25.65
CA LEU A 754 6.24 -14.00 25.93
C LEU A 754 5.16 -14.79 25.20
N ARG A 755 5.44 -15.25 24.00
CA ARG A 755 4.48 -16.03 23.24
C ARG A 755 5.25 -16.92 22.28
N PRO A 756 4.62 -17.97 21.77
CA PRO A 756 5.27 -18.81 20.76
C PRO A 756 5.53 -18.08 19.45
N SER A 757 6.71 -18.29 18.89
CA SER A 757 7.15 -17.62 17.67
C SER A 757 7.60 -18.64 16.65
N ALA A 758 7.88 -18.15 15.44
CA ALA A 758 8.41 -19.01 14.39
C ALA A 758 9.69 -19.75 14.82
N SER A 759 10.61 -19.04 15.50
CA SER A 759 11.84 -19.69 16.01
C SER A 759 11.56 -20.69 17.15
N THR A 760 10.59 -20.42 18.02
CA THR A 760 10.28 -21.31 19.12
C THR A 760 9.56 -22.58 18.65
N GLN A 761 9.08 -22.60 17.39
CA GLN A 761 8.28 -23.72 16.91
C GLN A 761 8.71 -24.19 15.54
N ALA A 762 9.99 -24.06 15.23
CA ALA A 762 10.60 -24.60 14.04
C ALA A 762 10.40 -26.10 13.94
N LEU A 763 10.82 -26.65 12.80
CA LEU A 763 10.81 -28.10 12.71
C LEU A 763 12.20 -28.66 12.66
N SER A 764 13.18 -27.91 13.17
CA SER A 764 14.47 -28.37 13.64
C SER A 764 15.13 -27.23 14.41
N SER A 765 15.75 -27.52 15.54
CA SER A 765 16.45 -26.48 16.27
C SER A 765 17.95 -26.72 16.39
N SER A 766 18.65 -25.67 16.77
CA SER A 766 20.08 -25.69 17.05
C SER A 766 20.47 -24.36 17.67
N VAL A 767 21.55 -24.38 18.46
CA VAL A 767 21.98 -23.20 19.20
C VAL A 767 23.48 -23.07 19.11
N SER A 768 23.96 -21.83 19.11
CA SER A 768 25.34 -21.56 18.76
C SER A 768 26.29 -22.17 19.78
N SER A 769 27.42 -22.63 19.27
CA SER A 769 28.35 -23.53 19.92
C SER A 769 29.62 -22.84 20.44
N SER A 770 29.76 -21.55 20.15
CA SER A 770 31.06 -20.90 20.03
C SER A 770 31.54 -20.31 21.36
N LYS A 771 32.84 -20.43 21.62
CA LYS A 771 33.46 -20.03 22.89
C LYS A 771 34.43 -18.87 22.69
N LEU A 772 34.08 -17.96 21.78
CA LEU A 772 34.96 -16.84 21.47
C LEU A 772 34.98 -15.82 22.60
N PHE A 773 33.83 -15.25 22.92
CA PHE A 773 33.73 -14.11 23.83
C PHE A 773 33.69 -14.52 25.32
N SER A 774 34.43 -15.55 25.71
CA SER A 774 34.50 -15.96 27.11
C SER A 774 35.36 -14.97 27.92
N GLY A 785 12.23 -7.13 35.45
CA GLY A 785 11.68 -7.71 34.23
C GLY A 785 12.24 -7.14 32.93
N GLU A 786 13.56 -7.16 32.78
CA GLU A 786 14.20 -6.51 31.65
C GLU A 786 14.03 -7.33 30.38
N GLU A 787 13.92 -6.64 29.23
CA GLU A 787 13.74 -7.32 27.95
C GLU A 787 14.99 -7.31 27.09
N VAL A 788 15.01 -8.23 26.12
CA VAL A 788 16.20 -8.51 25.32
C VAL A 788 15.78 -9.23 24.04
N GLU A 789 16.44 -8.86 22.94
CA GLU A 789 16.20 -9.50 21.64
C GLU A 789 17.04 -10.77 21.53
N VAL A 790 16.42 -11.84 21.05
CA VAL A 790 17.10 -13.09 20.76
C VAL A 790 16.96 -13.34 19.27
N HIS A 791 18.09 -13.45 18.58
CA HIS A 791 18.10 -13.55 17.13
C HIS A 791 18.25 -14.98 16.66
N ASN A 792 17.78 -15.22 15.43
CA ASN A 792 17.87 -16.54 14.82
C ASN A 792 18.05 -16.42 13.32
N LEU A 793 18.59 -17.48 12.72
CA LEU A 793 18.47 -17.75 11.29
C LEU A 793 17.39 -18.80 11.11
N LEU A 794 16.36 -18.48 10.33
CA LEU A 794 15.27 -19.38 10.03
C LEU A 794 15.47 -19.94 8.64
N ILE A 795 15.29 -21.25 8.50
CA ILE A 795 15.26 -21.89 7.21
C ILE A 795 13.80 -22.15 6.86
N ILE A 796 13.39 -21.75 5.67
CA ILE A 796 11.96 -21.69 5.35
C ILE A 796 11.70 -22.42 4.04
N ASP A 797 10.86 -23.45 4.10
CA ASP A 797 10.56 -24.21 2.90
C ASP A 797 9.92 -23.30 1.87
N GLN A 798 10.47 -23.32 0.66
CA GLN A 798 9.98 -22.45 -0.40
C GLN A 798 8.51 -22.73 -0.77
N HIS A 799 8.05 -23.97 -0.63
CA HIS A 799 6.68 -24.26 -1.09
C HIS A 799 5.66 -24.07 0.02
N THR A 800 5.84 -24.75 1.13
CA THR A 800 4.93 -24.68 2.26
C THR A 800 5.19 -23.52 3.21
N PHE A 801 6.33 -22.83 3.09
CA PHE A 801 6.71 -21.75 4.00
C PHE A 801 6.65 -22.20 5.46
N GLU A 802 6.75 -23.51 5.70
CA GLU A 802 6.99 -24.04 7.04
C GLU A 802 8.43 -23.76 7.46
N VAL A 803 8.59 -23.31 8.70
CA VAL A 803 9.92 -23.03 9.21
C VAL A 803 10.61 -24.37 9.44
N LEU A 804 11.55 -24.71 8.55
CA LEU A 804 12.21 -26.00 8.64
C LEU A 804 13.19 -26.07 9.81
N HIS A 805 14.06 -25.06 9.97
CA HIS A 805 15.06 -25.14 11.01
C HIS A 805 15.31 -23.76 11.59
N ALA A 806 15.56 -23.71 12.89
CA ALA A 806 15.91 -22.47 13.57
C ALA A 806 17.24 -22.67 14.29
N HIS A 807 18.21 -21.83 13.95
CA HIS A 807 19.47 -21.76 14.67
C HIS A 807 19.49 -20.47 15.48
N GLN A 808 19.77 -20.59 16.76
CA GLN A 808 19.80 -19.44 17.64
C GLN A 808 21.24 -18.97 17.82
N PHE A 809 21.41 -17.67 17.88
CA PHE A 809 22.72 -17.07 18.04
C PHE A 809 23.07 -16.92 19.53
N LEU A 810 24.25 -16.35 19.80
CA LEU A 810 24.68 -16.20 21.18
C LEU A 810 23.87 -15.12 21.89
N GLN A 811 23.99 -15.12 23.21
CA GLN A 811 23.30 -14.12 24.01
C GLN A 811 23.84 -12.74 23.65
N ASN A 812 22.91 -11.83 23.30
CA ASN A 812 23.18 -10.43 22.93
C ASN A 812 23.89 -10.30 21.59
N GLU A 813 23.83 -11.31 20.74
CA GLU A 813 24.30 -11.25 19.36
C GLU A 813 23.10 -10.97 18.44
N TYR A 814 23.15 -9.91 17.67
CA TYR A 814 22.16 -9.60 16.65
C TYR A 814 22.66 -10.10 15.30
N ALA A 815 21.80 -10.74 14.53
CA ALA A 815 22.11 -10.99 13.14
C ALA A 815 21.62 -9.79 12.34
N LEU A 816 22.53 -9.13 11.61
CA LEU A 816 22.22 -7.91 10.89
C LEU A 816 22.28 -8.02 9.37
N SER A 817 22.78 -9.14 8.84
CA SER A 817 23.11 -9.21 7.43
C SER A 817 23.25 -10.66 7.04
N LEU A 818 22.69 -11.01 5.88
CA LEU A 818 22.65 -12.40 5.45
C LEU A 818 22.85 -12.49 3.94
N VAL A 819 23.72 -13.41 3.53
CA VAL A 819 23.96 -13.70 2.12
C VAL A 819 23.74 -15.21 1.86
N SER A 820 23.42 -15.54 0.61
CA SER A 820 23.42 -16.93 0.17
C SER A 820 24.26 -16.98 -1.11
N CYS A 821 25.47 -17.50 -1.00
CA CYS A 821 26.37 -17.49 -2.13
C CYS A 821 27.24 -18.73 -2.10
N LYS A 822 28.00 -18.92 -3.18
CA LYS A 822 29.14 -19.82 -3.18
C LYS A 822 30.41 -19.00 -3.15
N LEU A 823 31.48 -19.61 -2.66
CA LEU A 823 32.72 -18.90 -2.47
C LEU A 823 33.90 -19.69 -3.01
N GLY A 824 34.87 -18.98 -3.57
CA GLY A 824 36.09 -19.67 -3.97
C GLY A 824 35.84 -20.72 -5.04
N LYS A 825 36.60 -21.81 -4.96
CA LYS A 825 36.34 -22.95 -5.81
C LYS A 825 35.51 -24.03 -5.11
N ASP A 826 35.09 -23.74 -3.87
CA ASP A 826 34.20 -24.60 -3.13
C ASP A 826 32.87 -24.76 -3.89
N PRO A 827 32.42 -26.00 -4.13
CA PRO A 827 31.16 -26.20 -4.88
C PRO A 827 29.90 -25.98 -4.04
N ASN A 828 30.03 -25.90 -2.73
CA ASN A 828 28.88 -25.75 -1.83
C ASN A 828 28.28 -24.35 -1.88
N THR A 829 26.99 -24.29 -1.54
CA THR A 829 26.25 -23.04 -1.39
C THR A 829 25.94 -22.81 0.09
N TYR A 830 26.37 -21.66 0.61
CA TYR A 830 26.28 -21.38 2.03
C TYR A 830 25.30 -20.25 2.32
N PHE A 831 24.81 -20.24 3.56
CA PHE A 831 24.20 -19.08 4.19
C PHE A 831 25.28 -18.43 5.05
N ILE A 832 25.50 -17.14 4.89
CA ILE A 832 26.54 -16.42 5.62
C ILE A 832 25.88 -15.30 6.39
N VAL A 833 26.22 -15.19 7.67
CA VAL A 833 25.49 -14.31 8.59
C VAL A 833 26.47 -13.36 9.26
N GLY A 834 26.23 -12.09 9.12
CA GLY A 834 27.02 -11.07 9.81
C GLY A 834 26.29 -10.63 11.06
N THR A 835 27.01 -10.66 12.19
CA THR A 835 26.39 -10.46 13.49
C THR A 835 27.12 -9.39 14.29
N ALA A 836 26.54 -9.04 15.43
CA ALA A 836 27.09 -7.98 16.25
C ALA A 836 26.71 -8.24 17.70
N MET A 837 27.63 -7.93 18.61
CA MET A 837 27.42 -8.11 20.04
C MET A 837 26.91 -6.78 20.59
N VAL A 838 25.67 -6.78 21.09
CA VAL A 838 24.91 -5.55 21.26
C VAL A 838 24.59 -5.35 22.74
N TYR A 839 25.21 -4.35 23.35
CA TYR A 839 24.96 -4.03 24.72
C TYR A 839 24.46 -2.59 24.82
N PRO A 840 23.32 -2.35 25.47
CA PRO A 840 22.79 -0.97 25.53
C PRO A 840 23.78 0.06 26.08
N GLU A 841 24.75 -0.36 26.91
CA GLU A 841 25.75 0.54 27.47
C GLU A 841 26.65 1.14 26.39
N GLU A 842 27.14 0.31 25.48
CA GLU A 842 28.09 0.75 24.45
C GLU A 842 27.38 1.55 23.37
N ALA A 843 28.14 2.44 22.72
CA ALA A 843 27.60 3.24 21.62
C ALA A 843 27.70 2.49 20.30
N GLU A 844 28.93 2.15 19.88
CA GLU A 844 28.96 1.21 18.78
C GLU A 844 29.44 -0.14 19.28
N PRO A 845 29.08 -1.22 18.59
CA PRO A 845 29.63 -2.53 18.96
C PRO A 845 31.11 -2.59 18.68
N LYS A 846 31.84 -3.31 19.54
CA LYS A 846 33.26 -3.55 19.36
C LYS A 846 33.58 -5.00 19.05
N GLN A 847 32.58 -5.87 18.99
CA GLN A 847 32.77 -7.25 18.62
C GLN A 847 31.57 -7.74 17.82
N GLY A 848 31.85 -8.54 16.80
CA GLY A 848 30.80 -9.29 16.11
C GLY A 848 31.47 -10.48 15.47
N ARG A 849 30.69 -11.26 14.73
CA ARG A 849 31.33 -12.32 13.95
C ARG A 849 30.59 -12.58 12.65
N ILE A 850 31.32 -13.16 11.71
CA ILE A 850 30.76 -13.71 10.48
C ILE A 850 30.72 -15.22 10.63
N VAL A 851 29.58 -15.81 10.29
CA VAL A 851 29.35 -17.22 10.50
C VAL A 851 28.92 -17.83 9.18
N VAL A 852 29.48 -18.98 8.86
CA VAL A 852 29.22 -19.66 7.59
C VAL A 852 28.47 -20.95 7.90
N PHE A 853 27.17 -20.97 7.58
CA PHE A 853 26.33 -22.16 7.67
C PHE A 853 26.15 -22.77 6.29
N GLN A 854 26.03 -24.11 6.25
CA GLN A 854 25.52 -24.83 5.09
C GLN A 854 24.29 -25.64 5.48
N TYR A 855 23.22 -25.49 4.68
CA TYR A 855 22.01 -26.27 4.90
C TYR A 855 22.23 -27.64 4.27
N SER A 856 22.65 -28.59 5.10
CA SER A 856 23.03 -29.92 4.60
C SER A 856 21.80 -30.65 4.11
N ASP A 857 21.15 -31.35 5.03
CA ASP A 857 19.83 -31.89 4.81
C ASP A 857 19.16 -31.93 6.16
N GLY A 858 17.91 -31.49 6.21
CA GLY A 858 17.22 -31.38 7.46
C GLY A 858 17.75 -30.29 8.37
N LYS A 859 19.06 -30.23 8.59
CA LYS A 859 19.59 -29.36 9.63
C LYS A 859 20.82 -28.59 9.18
N LEU A 860 21.02 -27.44 9.85
CA LEU A 860 22.13 -26.53 9.65
C LEU A 860 23.37 -26.99 10.41
N GLN A 861 24.52 -26.95 9.75
CA GLN A 861 25.76 -27.21 10.43
C GLN A 861 26.69 -26.01 10.29
N THR A 862 27.38 -25.65 11.38
CA THR A 862 28.25 -24.49 11.36
C THR A 862 29.56 -24.87 10.69
N VAL A 863 29.83 -24.30 9.53
CA VAL A 863 31.02 -24.61 8.75
C VAL A 863 32.21 -23.76 9.16
N ALA A 864 32.03 -22.44 9.28
CA ALA A 864 33.15 -21.57 9.61
C ALA A 864 32.69 -20.47 10.55
N GLU A 865 33.67 -19.76 11.12
CA GLU A 865 33.41 -18.66 12.03
C GLU A 865 34.59 -17.70 11.95
N LYS A 866 34.31 -16.40 12.05
CA LYS A 866 35.35 -15.39 11.88
C LYS A 866 35.06 -14.21 12.81
N GLU A 867 35.90 -14.00 13.81
CA GLU A 867 35.64 -12.93 14.75
C GLU A 867 36.14 -11.61 14.20
N VAL A 868 35.36 -10.56 14.40
CA VAL A 868 35.70 -9.21 13.95
C VAL A 868 35.42 -8.21 15.06
N LYS A 869 35.95 -7.01 14.88
CA LYS A 869 35.95 -5.95 15.90
C LYS A 869 34.94 -4.86 15.58
N GLY A 870 33.70 -5.26 15.30
CA GLY A 870 32.63 -4.30 15.08
C GLY A 870 31.39 -5.02 14.57
N ALA A 871 30.33 -4.24 14.37
CA ALA A 871 29.09 -4.77 13.79
C ALA A 871 29.28 -5.05 12.32
N VAL A 872 28.71 -6.15 11.83
CA VAL A 872 28.76 -6.46 10.41
C VAL A 872 27.46 -6.00 9.74
N TYR A 873 27.42 -4.71 9.39
CA TYR A 873 26.20 -4.06 8.94
C TYR A 873 25.72 -4.59 7.59
N SER A 874 26.65 -4.99 6.74
CA SER A 874 26.32 -5.37 5.38
C SER A 874 27.33 -6.37 4.85
N MET A 875 26.81 -7.26 4.00
CA MET A 875 27.65 -8.22 3.30
C MET A 875 27.10 -8.46 1.91
N VAL A 876 27.99 -8.81 1.00
CA VAL A 876 27.62 -9.10 -0.37
C VAL A 876 28.68 -10.04 -0.93
N GLU A 877 28.23 -11.00 -1.77
CA GLU A 877 29.15 -11.78 -2.58
C GLU A 877 29.77 -10.87 -3.64
N PHE A 878 31.09 -10.96 -3.78
CA PHE A 878 31.83 -10.10 -4.69
C PHE A 878 32.84 -10.99 -5.41
N ASN A 879 32.48 -11.46 -6.60
CA ASN A 879 33.42 -12.08 -7.53
C ASN A 879 34.06 -13.35 -6.99
N GLY A 880 33.28 -14.14 -6.26
CA GLY A 880 33.82 -15.30 -5.59
C GLY A 880 34.38 -15.03 -4.21
N LYS A 881 34.47 -13.78 -3.78
CA LYS A 881 34.93 -13.40 -2.45
C LYS A 881 33.76 -12.89 -1.62
N LEU A 882 34.03 -12.51 -0.36
CA LEU A 882 33.01 -12.03 0.55
C LEU A 882 33.32 -10.59 0.96
N LEU A 883 32.54 -9.64 0.43
CA LEU A 883 32.65 -8.26 0.83
C LEU A 883 31.83 -8.03 2.09
N ALA A 884 32.38 -7.24 3.03
CA ALA A 884 31.72 -6.98 4.29
C ALA A 884 32.05 -5.60 4.83
N SER A 885 31.06 -5.01 5.51
CA SER A 885 31.21 -3.79 6.29
C SER A 885 31.31 -4.17 7.77
N ILE A 886 32.43 -3.83 8.39
CA ILE A 886 32.57 -4.06 9.82
C ILE A 886 32.68 -2.68 10.45
N ASN A 887 31.55 -2.02 10.68
CA ASN A 887 31.49 -0.95 11.67
C ASN A 887 32.49 0.15 11.32
N SER A 888 32.26 0.82 10.18
CA SER A 888 33.16 1.87 9.62
C SER A 888 34.41 1.36 8.89
N THR A 889 34.46 0.08 8.53
CA THR A 889 35.51 -0.50 7.69
C THR A 889 34.86 -1.40 6.65
N VAL A 890 35.28 -1.29 5.39
CA VAL A 890 34.85 -2.20 4.33
C VAL A 890 35.98 -3.19 4.07
N ARG A 891 35.66 -4.48 4.03
CA ARG A 891 36.67 -5.52 4.01
C ARG A 891 36.33 -6.58 2.97
N LEU A 892 37.37 -7.19 2.42
CA LEU A 892 37.23 -8.21 1.38
C LEU A 892 37.86 -9.51 1.85
N TYR A 893 37.05 -10.56 1.98
CA TYR A 893 37.50 -11.87 2.45
C TYR A 893 37.59 -12.86 1.30
N GLU A 894 38.60 -13.72 1.34
CA GLU A 894 38.76 -14.84 0.42
C GLU A 894 38.50 -16.14 1.15
N TRP A 895 38.21 -17.19 0.38
CA TRP A 895 37.76 -18.48 0.93
C TRP A 895 38.79 -19.55 0.62
N THR A 896 39.52 -19.99 1.65
CA THR A 896 40.65 -20.90 1.45
C THR A 896 40.18 -22.34 1.21
N THR A 897 41.12 -23.16 0.72
CA THR A 897 40.87 -24.60 0.61
C THR A 897 40.73 -25.25 1.98
N GLU A 898 41.14 -24.55 3.03
CA GLU A 898 41.01 -25.03 4.39
C GLU A 898 39.68 -24.63 5.03
N LYS A 899 38.71 -24.11 4.24
CA LYS A 899 37.38 -23.69 4.71
C LYS A 899 37.48 -22.61 5.80
N GLU A 900 37.96 -21.44 5.36
CA GLU A 900 38.33 -20.37 6.28
C GLU A 900 38.36 -19.07 5.49
N LEU A 901 37.95 -17.98 6.14
CA LEU A 901 37.99 -16.65 5.54
C LEU A 901 39.28 -15.96 5.96
N ARG A 902 40.08 -15.53 4.98
CA ARG A 902 41.24 -14.70 5.28
C ARG A 902 41.11 -13.35 4.59
N THR A 903 41.57 -12.30 5.28
CA THR A 903 41.44 -10.94 4.77
C THR A 903 42.34 -10.73 3.55
N GLU A 904 41.83 -9.97 2.58
CA GLU A 904 42.58 -9.60 1.39
C GLU A 904 42.92 -8.11 1.37
N CYS A 905 41.93 -7.24 1.47
CA CYS A 905 42.17 -5.80 1.57
C CYS A 905 41.05 -5.20 2.39
N ASN A 906 41.24 -3.93 2.77
CA ASN A 906 40.12 -3.19 3.32
C ASN A 906 40.27 -1.70 3.04
N HIS A 907 39.29 -0.94 3.55
CA HIS A 907 39.12 0.48 3.30
C HIS A 907 38.56 1.07 4.57
N TYR A 908 39.17 2.17 5.06
CA TYR A 908 38.75 2.77 6.33
C TYR A 908 38.15 4.16 6.20
N ASN A 909 38.09 4.75 5.01
CA ASN A 909 37.62 6.14 4.87
C ASN A 909 36.08 6.11 4.86
N ASN A 910 35.55 5.77 6.03
CA ASN A 910 34.11 5.73 6.24
C ASN A 910 33.81 6.31 7.61
N ILE A 911 32.55 6.53 7.87
CA ILE A 911 32.06 6.84 9.21
C ILE A 911 31.21 5.69 9.76
N MET A 912 30.28 5.18 8.96
CA MET A 912 29.66 3.88 9.21
C MET A 912 29.20 3.36 7.86
N ALA A 913 29.88 2.36 7.32
CA ALA A 913 29.46 1.78 6.05
C ALA A 913 28.22 0.90 6.30
N LEU A 914 27.03 1.45 6.10
CA LEU A 914 25.81 0.70 6.37
C LEU A 914 25.36 -0.17 5.21
N TYR A 915 25.70 0.21 3.98
CA TYR A 915 25.03 -0.30 2.80
C TYR A 915 26.06 -0.55 1.70
N LEU A 916 26.12 -1.81 1.21
CA LEU A 916 26.94 -2.16 0.07
C LEU A 916 26.11 -2.75 -1.05
N LYS A 917 26.61 -2.55 -2.27
CA LYS A 917 26.13 -3.16 -3.51
C LYS A 917 27.32 -3.19 -4.46
N THR A 918 27.34 -4.16 -5.36
CA THR A 918 28.49 -4.34 -6.23
C THR A 918 28.03 -4.56 -7.65
N LYS A 919 29.01 -4.44 -8.55
CA LYS A 919 28.81 -4.71 -9.97
C LYS A 919 30.18 -4.85 -10.60
N GLY A 920 30.46 -6.03 -11.14
CA GLY A 920 31.78 -6.29 -11.69
C GLY A 920 32.80 -6.13 -10.59
N ASP A 921 33.77 -5.23 -10.80
CA ASP A 921 34.79 -4.97 -9.81
C ASP A 921 34.53 -3.66 -9.06
N PHE A 922 33.33 -3.10 -9.18
CA PHE A 922 32.96 -1.83 -8.56
C PHE A 922 32.06 -2.08 -7.36
N ILE A 923 32.13 -1.17 -6.38
CA ILE A 923 31.44 -1.30 -5.11
C ILE A 923 30.83 0.05 -4.73
N LEU A 924 29.55 0.03 -4.40
CA LEU A 924 28.85 1.22 -3.91
C LEU A 924 28.71 1.16 -2.41
N VAL A 925 29.22 2.18 -1.72
CA VAL A 925 29.24 2.21 -0.25
C VAL A 925 28.36 3.36 0.23
N GLY A 926 27.25 3.01 0.88
CA GLY A 926 26.37 3.98 1.53
C GLY A 926 26.69 4.14 2.99
N ASP A 927 27.04 5.36 3.39
CA ASP A 927 27.52 5.67 4.73
C ASP A 927 26.40 6.17 5.61
N LEU A 928 26.63 6.11 6.93
CA LEU A 928 25.63 6.64 7.87
C LEU A 928 25.26 8.05 7.50
N MET A 929 26.24 8.94 7.41
CA MET A 929 25.98 10.35 7.22
C MET A 929 26.73 11.04 6.09
N ARG A 930 27.77 10.43 5.51
CA ARG A 930 28.57 11.08 4.47
C ARG A 930 28.18 10.61 3.08
N SER A 931 26.87 10.45 2.85
CA SER A 931 26.27 10.15 1.56
C SER A 931 26.90 8.90 0.98
N VAL A 932 27.29 8.87 -0.28
CA VAL A 932 27.63 7.67 -1.04
C VAL A 932 29.03 7.81 -1.63
N LEU A 933 29.73 6.68 -1.79
CA LEU A 933 31.05 6.74 -2.45
C LEU A 933 31.33 5.48 -3.24
N LEU A 934 32.19 5.62 -4.26
CA LEU A 934 32.41 4.55 -5.24
C LEU A 934 33.84 4.02 -5.16
N LEU A 935 33.96 2.70 -5.05
CA LEU A 935 35.18 1.96 -4.82
C LEU A 935 35.42 0.97 -5.95
N ALA A 936 36.67 0.63 -6.19
CA ALA A 936 36.99 -0.41 -7.17
C ALA A 936 37.94 -1.40 -6.56
N TYR A 937 37.86 -2.64 -7.02
CA TYR A 937 38.79 -3.67 -6.62
C TYR A 937 39.81 -3.80 -7.74
N LYS A 938 41.05 -3.42 -7.44
CA LYS A 938 42.02 -3.50 -8.52
C LYS A 938 42.63 -4.89 -8.50
N PRO A 939 42.24 -5.75 -9.46
CA PRO A 939 42.49 -7.19 -9.30
C PRO A 939 43.95 -7.56 -9.46
N MET A 940 44.72 -6.76 -10.20
CA MET A 940 46.16 -7.00 -10.29
C MET A 940 46.86 -6.65 -8.97
N GLU A 941 46.65 -5.44 -8.46
CA GLU A 941 47.30 -5.03 -7.23
C GLU A 941 46.69 -5.64 -5.97
N GLY A 942 45.55 -6.32 -6.08
CA GLY A 942 44.90 -6.91 -4.91
C GLY A 942 44.44 -5.90 -3.87
N ASN A 943 43.96 -4.74 -4.32
CA ASN A 943 43.73 -3.60 -3.45
C ASN A 943 42.33 -3.05 -3.67
N PHE A 944 41.97 -2.11 -2.80
CA PHE A 944 40.82 -1.25 -3.04
C PHE A 944 41.31 0.10 -3.55
N GLU A 945 40.60 0.62 -4.54
CA GLU A 945 40.86 1.95 -5.07
C GLU A 945 39.59 2.79 -4.87
N GLU A 946 39.73 3.93 -4.20
CA GLU A 946 38.61 4.82 -3.98
C GLU A 946 38.45 5.68 -5.22
N ILE A 947 37.37 5.47 -5.96
CA ILE A 947 37.25 6.11 -7.27
C ILE A 947 36.61 7.48 -7.18
N ALA A 948 35.52 7.61 -6.45
CA ALA A 948 34.87 8.91 -6.34
C ALA A 948 33.88 8.87 -5.18
N ARG A 949 33.28 10.03 -4.91
CA ARG A 949 32.49 10.19 -3.70
C ARG A 949 31.56 11.39 -3.88
N ASP A 950 30.33 11.25 -3.40
CA ASP A 950 29.42 12.40 -3.32
C ASP A 950 29.68 13.17 -2.03
N PHE A 951 29.87 14.48 -2.18
CA PHE A 951 30.28 15.33 -1.05
C PHE A 951 29.12 16.11 -0.49
N ASN A 952 28.02 15.41 -0.27
CA ASN A 952 26.83 15.97 0.34
C ASN A 952 26.50 15.23 1.63
N PRO A 953 25.90 15.89 2.61
CA PRO A 953 25.66 15.25 3.91
C PRO A 953 24.35 14.46 3.97
N ASN A 954 24.21 13.47 3.09
CA ASN A 954 22.99 12.67 3.03
C ASN A 954 23.08 11.50 3.99
N TRP A 955 22.09 11.37 4.88
CA TRP A 955 22.00 10.28 5.85
C TRP A 955 21.28 9.10 5.20
N MET A 956 22.04 8.10 4.79
CA MET A 956 21.53 7.06 3.90
C MET A 956 20.59 6.07 4.58
N SER A 957 19.67 5.55 3.79
CA SER A 957 18.85 4.43 4.21
C SER A 957 18.98 3.22 3.30
N ALA A 958 19.10 3.45 2.00
CA ALA A 958 19.19 2.34 1.06
C ALA A 958 19.98 2.83 -0.14
N VAL A 959 20.53 1.90 -0.90
CA VAL A 959 21.47 2.24 -1.96
C VAL A 959 21.33 1.20 -3.09
N GLU A 960 21.62 1.62 -4.32
CA GLU A 960 21.54 0.66 -5.43
C GLU A 960 22.33 1.17 -6.63
N ILE A 961 22.95 0.24 -7.39
CA ILE A 961 23.71 0.59 -8.60
C ILE A 961 22.80 0.39 -9.81
N LEU A 962 22.48 1.47 -10.52
CA LEU A 962 21.67 1.30 -11.73
C LEU A 962 22.49 0.70 -12.87
N ASP A 963 23.48 1.44 -13.37
CA ASP A 963 24.50 0.83 -14.22
C ASP A 963 25.88 1.26 -13.71
N ASP A 964 26.94 0.98 -14.48
CA ASP A 964 28.30 1.21 -13.99
C ASP A 964 28.63 2.69 -13.81
N ASP A 965 27.77 3.60 -14.27
CA ASP A 965 28.01 5.03 -14.17
C ASP A 965 26.95 5.76 -13.35
N ASN A 966 25.95 5.06 -12.80
CA ASN A 966 24.76 5.70 -12.25
C ASN A 966 24.32 5.01 -10.97
N PHE A 967 24.30 5.76 -9.86
CA PHE A 967 24.05 5.20 -8.53
C PHE A 967 22.90 5.91 -7.85
N LEU A 968 21.97 5.10 -7.35
CA LEU A 968 20.73 5.56 -6.76
C LEU A 968 20.74 5.46 -5.23
N GLY A 969 20.07 6.41 -4.58
CA GLY A 969 20.11 6.48 -3.12
C GLY A 969 18.85 7.10 -2.54
N ALA A 970 18.44 6.55 -1.38
CA ALA A 970 17.41 7.12 -0.51
C ALA A 970 18.04 7.62 0.78
N GLU A 971 17.59 8.78 1.23
CA GLU A 971 18.08 9.39 2.44
C GLU A 971 16.97 9.43 3.49
N ASN A 972 17.34 9.76 4.71
CA ASN A 972 16.40 9.73 5.83
C ASN A 972 15.43 10.91 5.85
N ALA A 973 15.42 11.75 4.81
CA ALA A 973 14.43 12.80 4.68
C ALA A 973 13.42 12.49 3.57
N PHE A 974 13.29 11.22 3.20
CA PHE A 974 12.30 10.78 2.23
C PHE A 974 12.60 11.31 0.83
N ASN A 975 13.88 11.49 0.51
CA ASN A 975 14.28 11.93 -0.82
C ASN A 975 15.05 10.82 -1.55
N LEU A 976 14.99 10.86 -2.88
CA LEU A 976 15.83 10.05 -3.73
C LEU A 976 16.81 10.94 -4.50
N PHE A 977 18.03 10.42 -4.71
CA PHE A 977 18.98 11.08 -5.60
C PHE A 977 19.68 10.03 -6.44
N VAL A 978 20.33 10.50 -7.49
CA VAL A 978 21.11 9.67 -8.41
C VAL A 978 22.44 10.37 -8.62
N CYS A 979 23.54 9.64 -8.44
CA CYS A 979 24.88 10.16 -8.64
C CYS A 979 25.51 9.59 -9.90
N GLN A 980 26.30 10.40 -10.59
CA GLN A 980 27.00 9.96 -11.78
C GLN A 980 28.50 10.13 -11.62
N LYS A 981 29.26 9.39 -12.41
CA LYS A 981 30.67 9.70 -12.55
C LYS A 981 30.79 10.90 -13.48
N ASP A 982 31.49 11.95 -13.02
CA ASP A 982 31.82 13.06 -13.89
C ASP A 982 32.76 12.59 -15.00
N SER A 983 32.42 12.89 -16.25
CA SER A 983 33.34 12.52 -17.32
C SER A 983 34.07 13.77 -17.85
N ALA A 984 34.86 14.43 -16.97
CA ALA A 984 35.52 15.68 -17.27
C ALA A 984 37.04 15.55 -17.19
N ALA A 985 37.74 16.60 -17.61
CA ALA A 985 39.20 16.62 -17.57
C ALA A 985 39.66 16.78 -16.12
N THR A 986 40.93 17.15 -15.90
CA THR A 986 41.62 17.10 -14.61
C THR A 986 41.13 15.99 -13.68
N THR A 987 41.31 14.75 -14.13
CA THR A 987 40.68 13.57 -13.55
C THR A 987 40.79 13.53 -12.03
N ASP A 988 41.97 13.87 -11.50
CA ASP A 988 42.22 13.56 -10.11
C ASP A 988 41.25 14.25 -9.16
N GLU A 989 40.80 15.46 -9.44
CA GLU A 989 39.75 15.93 -8.54
C GLU A 989 38.38 16.05 -9.20
N GLU A 990 38.27 16.51 -10.44
CA GLU A 990 36.93 16.57 -11.02
C GLU A 990 36.34 15.18 -11.25
N ARG A 991 37.17 14.17 -11.51
CA ARG A 991 36.68 12.80 -11.64
C ARG A 991 36.63 12.06 -10.31
N GLN A 992 37.08 12.68 -9.22
CA GLN A 992 36.92 12.08 -7.89
C GLN A 992 35.62 12.51 -7.22
N HIS A 993 34.84 13.37 -7.88
CA HIS A 993 33.60 13.90 -7.32
C HIS A 993 32.42 13.35 -8.13
N LEU A 994 31.58 12.56 -7.44
CA LEU A 994 30.31 12.15 -8.01
C LEU A 994 29.35 13.34 -7.98
N GLN A 995 28.68 13.58 -9.10
CA GLN A 995 27.76 14.72 -9.24
C GLN A 995 26.33 14.22 -9.08
N GLU A 996 25.60 14.81 -8.13
CA GLU A 996 24.16 14.59 -8.07
C GLU A 996 23.52 15.08 -9.37
N VAL A 997 22.84 14.18 -10.08
CA VAL A 997 22.25 14.49 -11.37
C VAL A 997 20.75 14.33 -11.39
N GLY A 998 20.15 13.82 -10.33
CA GLY A 998 18.71 13.75 -10.22
C GLY A 998 18.28 13.82 -8.78
N LEU A 999 17.31 14.68 -8.48
CA LEU A 999 16.77 14.86 -7.14
C LEU A 999 15.27 14.62 -7.20
N PHE A 1000 14.69 14.04 -6.15
CA PHE A 1000 13.25 13.77 -6.12
C PHE A 1000 12.78 13.47 -4.72
N HIS A 1001 11.76 14.19 -4.23
CA HIS A 1001 11.19 13.90 -2.91
C HIS A 1001 10.12 12.83 -3.03
N LEU A 1002 10.39 11.66 -2.43
CA LEU A 1002 9.49 10.50 -2.53
C LEU A 1002 8.31 10.59 -1.59
N GLY A 1003 8.55 11.06 -0.37
CA GLY A 1003 7.57 11.03 0.67
C GLY A 1003 7.60 9.76 1.47
N GLU A 1004 8.55 8.87 1.17
CA GLU A 1004 8.65 7.59 1.83
C GLU A 1004 10.09 7.36 2.26
N PHE A 1005 10.24 6.53 3.29
CA PHE A 1005 11.54 6.06 3.81
C PHE A 1005 11.83 4.70 3.19
N VAL A 1006 12.90 4.60 2.41
CA VAL A 1006 13.17 3.37 1.65
C VAL A 1006 14.14 2.49 2.43
N ASN A 1007 13.76 1.23 2.65
CA ASN A 1007 14.63 0.27 3.34
C ASN A 1007 15.42 -0.60 2.40
N VAL A 1008 14.96 -0.82 1.17
CA VAL A 1008 15.55 -1.82 0.32
C VAL A 1008 15.32 -1.48 -1.14
N PHE A 1009 16.38 -1.51 -1.94
CA PHE A 1009 16.26 -1.66 -3.37
C PHE A 1009 16.63 -3.08 -3.74
N CYS A 1010 15.94 -3.64 -4.73
CA CYS A 1010 16.55 -4.78 -5.40
C CYS A 1010 16.15 -4.75 -6.88
N HIS A 1011 16.98 -5.38 -7.71
CA HIS A 1011 16.68 -5.52 -9.13
C HIS A 1011 15.67 -6.63 -9.34
N GLY A 1012 14.69 -6.37 -10.20
CA GLY A 1012 13.74 -7.39 -10.59
C GLY A 1012 12.43 -6.78 -11.04
N SER A 1013 11.51 -7.64 -11.47
CA SER A 1013 10.24 -7.14 -11.97
C SER A 1013 9.13 -8.15 -11.70
N LEU A 1014 7.95 -7.61 -11.37
CA LEU A 1014 6.75 -8.39 -11.10
C LEU A 1014 5.96 -8.79 -12.34
N VAL A 1015 6.35 -8.36 -13.55
CA VAL A 1015 5.36 -8.26 -14.62
C VAL A 1015 5.53 -9.31 -15.70
N MET A 1016 6.69 -9.30 -16.34
CA MET A 1016 6.85 -10.07 -17.57
C MET A 1016 6.27 -11.47 -17.42
N GLN A 1017 5.50 -11.90 -18.41
CA GLN A 1017 4.80 -13.18 -18.31
C GLN A 1017 5.76 -14.33 -18.00
N PRO A 1025 10.63 1.29 -24.71
CA PRO A 1025 10.47 2.69 -24.25
C PRO A 1025 11.19 3.01 -22.92
N THR A 1026 11.45 1.97 -22.12
CA THR A 1026 12.16 2.07 -20.84
C THR A 1026 13.14 0.92 -20.71
N GLN A 1027 14.11 1.07 -19.81
CA GLN A 1027 15.22 0.15 -19.65
C GLN A 1027 15.56 0.03 -18.16
N GLY A 1028 15.93 -1.18 -17.73
CA GLY A 1028 16.26 -1.44 -16.33
C GLY A 1028 15.04 -1.44 -15.45
N SER A 1029 15.11 -2.00 -14.24
CA SER A 1029 13.92 -1.99 -13.38
C SER A 1029 14.31 -2.29 -11.93
N VAL A 1030 14.11 -1.33 -11.05
CA VAL A 1030 14.51 -1.47 -9.65
C VAL A 1030 13.29 -1.31 -8.76
N LEU A 1031 13.04 -2.31 -7.94
CA LEU A 1031 11.94 -2.22 -7.00
C LEU A 1031 12.45 -1.72 -5.67
N PHE A 1032 11.56 -1.07 -4.92
CA PHE A 1032 11.95 -0.62 -3.60
C PHE A 1032 10.78 -0.73 -2.66
N GLY A 1033 11.10 -1.02 -1.41
CA GLY A 1033 10.09 -1.18 -0.37
C GLY A 1033 10.37 -0.20 0.75
N THR A 1034 9.30 0.27 1.37
CA THR A 1034 9.36 1.39 2.29
C THR A 1034 8.77 0.99 3.63
N VAL A 1035 9.05 1.83 4.63
CA VAL A 1035 8.54 1.61 5.98
C VAL A 1035 7.02 1.63 5.98
N ASN A 1036 6.43 2.42 5.10
CA ASN A 1036 5.00 2.59 5.13
C ASN A 1036 4.28 1.52 4.33
N GLY A 1037 5.03 0.56 3.80
CA GLY A 1037 4.45 -0.53 3.02
C GLY A 1037 4.28 -0.25 1.54
N MET A 1038 4.65 0.94 1.07
CA MET A 1038 4.54 1.18 -0.36
C MET A 1038 5.67 0.43 -1.05
N ILE A 1039 5.33 -0.26 -2.14
CA ILE A 1039 6.29 -0.87 -3.03
C ILE A 1039 6.39 0.03 -4.24
N GLY A 1040 7.63 0.35 -4.65
CA GLY A 1040 7.84 1.29 -5.72
C GLY A 1040 8.73 0.70 -6.79
N LEU A 1041 8.75 1.37 -7.94
CA LEU A 1041 9.55 0.99 -9.11
C LEU A 1041 10.32 2.18 -9.69
N VAL A 1042 11.57 1.96 -10.06
CA VAL A 1042 12.37 2.96 -10.74
C VAL A 1042 12.81 2.37 -12.08
N THR A 1043 12.80 3.18 -13.11
CA THR A 1043 13.27 2.72 -14.41
C THR A 1043 13.93 3.89 -15.12
N SER A 1044 14.68 3.57 -16.17
CA SER A 1044 15.44 4.55 -16.93
C SER A 1044 14.63 5.01 -18.13
N LEU A 1045 14.88 6.23 -18.54
CA LEU A 1045 14.17 6.83 -19.66
C LEU A 1045 15.18 7.26 -20.72
N SER A 1046 14.77 7.20 -21.98
CA SER A 1046 15.54 7.87 -23.02
C SER A 1046 15.34 9.37 -22.88
N GLU A 1047 16.26 10.13 -23.45
CA GLU A 1047 16.16 11.58 -23.29
C GLU A 1047 14.98 12.12 -24.11
N SER A 1048 14.80 11.61 -25.33
CA SER A 1048 13.55 11.81 -26.06
C SER A 1048 12.34 11.67 -25.13
N TRP A 1049 12.31 10.62 -24.32
CA TRP A 1049 11.11 10.31 -23.53
C TRP A 1049 10.98 11.22 -22.32
N TYR A 1050 12.09 11.51 -21.64
CA TYR A 1050 12.01 12.33 -20.42
C TYR A 1050 11.48 13.71 -20.74
N ASN A 1051 12.01 14.34 -21.79
CA ASN A 1051 11.55 15.68 -22.16
C ASN A 1051 10.07 15.69 -22.49
N LEU A 1052 9.59 14.71 -23.27
CA LEU A 1052 8.15 14.59 -23.54
C LEU A 1052 7.36 14.43 -22.25
N LEU A 1053 7.81 13.52 -21.38
CA LEU A 1053 7.09 13.35 -20.13
C LEU A 1053 7.19 14.59 -19.25
N LEU A 1054 8.40 15.16 -19.12
CA LEU A 1054 8.55 16.37 -18.31
C LEU A 1054 7.60 17.45 -18.81
N ASP A 1055 7.45 17.57 -20.13
CA ASP A 1055 6.51 18.47 -20.77
C ASP A 1055 5.12 18.29 -20.21
N MET A 1056 4.52 17.13 -20.45
CA MET A 1056 3.14 16.94 -20.06
C MET A 1056 3.00 16.72 -18.56
N GLN A 1057 4.10 16.55 -17.84
CA GLN A 1057 4.08 16.75 -16.40
C GLN A 1057 3.56 18.16 -16.05
N ASN A 1058 4.07 19.19 -16.72
CA ASN A 1058 3.67 20.55 -16.40
C ASN A 1058 2.34 20.95 -17.00
N ARG A 1059 1.93 20.30 -18.09
CA ARG A 1059 0.60 20.52 -18.63
C ARG A 1059 -0.47 19.91 -17.73
N LEU A 1060 -0.16 18.77 -17.11
CA LEU A 1060 -1.10 18.10 -16.21
C LEU A 1060 -1.30 18.87 -14.92
N ASN A 1061 -0.28 19.61 -14.47
CA ASN A 1061 -0.40 20.38 -13.24
C ASN A 1061 -1.40 21.51 -13.40
N LYS A 1062 -1.49 22.06 -14.61
CA LYS A 1062 -2.42 23.14 -14.88
C LYS A 1062 -3.87 22.64 -14.93
N VAL A 1063 -4.08 21.34 -15.07
CA VAL A 1063 -5.41 20.80 -15.26
C VAL A 1063 -5.92 20.01 -14.07
N ILE A 1064 -5.05 19.33 -13.33
CA ILE A 1064 -5.45 18.44 -12.22
C ILE A 1064 -5.72 19.25 -10.95
N LYS A 1065 -6.92 19.10 -10.40
CA LYS A 1065 -7.25 19.77 -9.14
C LYS A 1065 -6.53 19.08 -8.00
N SER A 1066 -5.67 19.80 -7.28
CA SER A 1066 -4.89 19.19 -6.20
C SER A 1066 -5.56 19.48 -4.86
N VAL A 1067 -5.75 18.43 -4.06
CA VAL A 1067 -6.43 18.58 -2.78
C VAL A 1067 -5.54 19.36 -1.83
N GLY A 1068 -6.12 20.38 -1.21
CA GLY A 1068 -5.36 21.34 -0.43
C GLY A 1068 -4.61 22.33 -1.27
N LYS A 1069 -4.73 22.25 -2.60
CA LYS A 1069 -4.14 23.21 -3.51
C LYS A 1069 -2.63 23.31 -3.29
N ILE A 1070 -2.02 22.19 -2.87
CA ILE A 1070 -0.58 22.07 -2.83
C ILE A 1070 -0.04 21.93 -4.24
N GLU A 1071 1.04 22.64 -4.53
CA GLU A 1071 1.65 22.60 -5.85
C GLU A 1071 2.56 21.37 -5.98
N HIS A 1072 2.43 20.67 -7.10
CA HIS A 1072 3.15 19.42 -7.29
C HIS A 1072 4.66 19.65 -7.31
N SER A 1073 5.11 20.68 -8.02
CA SER A 1073 6.53 21.04 -8.01
C SER A 1073 7.06 21.19 -6.59
N PHE A 1074 6.27 21.78 -5.67
CA PHE A 1074 6.70 21.95 -4.29
C PHE A 1074 6.80 20.62 -3.58
N TRP A 1075 5.77 19.79 -3.72
CA TRP A 1075 5.76 18.44 -3.19
C TRP A 1075 7.04 17.69 -3.55
N ARG A 1076 7.31 17.54 -4.84
CA ARG A 1076 8.39 16.68 -5.25
C ARG A 1076 9.76 17.33 -5.08
N SER A 1077 9.82 18.59 -4.68
CA SER A 1077 11.09 19.26 -4.49
C SER A 1077 11.96 18.51 -3.49
N PHE A 1078 13.23 18.44 -3.79
CA PHE A 1078 14.19 17.86 -2.86
C PHE A 1078 14.31 18.78 -1.66
N HIS A 1079 14.26 18.20 -0.47
CA HIS A 1079 14.14 19.01 0.74
C HIS A 1079 14.80 18.29 1.92
N THR A 1080 15.82 18.92 2.49
CA THR A 1080 16.37 18.61 3.79
C THR A 1080 16.04 19.78 4.71
N GLU A 1081 16.89 20.05 5.70
CA GLU A 1081 16.87 21.36 6.31
C GLU A 1081 18.03 22.22 5.84
N ARG A 1082 19.10 21.60 5.35
CA ARG A 1082 20.18 22.33 4.71
C ARG A 1082 19.67 23.10 3.50
N LYS A 1083 19.00 22.42 2.57
CA LYS A 1083 18.73 22.98 1.26
C LYS A 1083 17.43 22.44 0.69
N THR A 1084 16.83 23.24 -0.20
CA THR A 1084 15.60 22.83 -0.90
C THR A 1084 15.74 23.18 -2.39
N GLU A 1085 16.10 22.18 -3.21
CA GLU A 1085 16.21 22.28 -4.65
C GLU A 1085 14.99 21.68 -5.32
N PRO A 1086 14.67 22.06 -6.55
CA PRO A 1086 13.57 21.40 -7.25
C PRO A 1086 13.99 20.04 -7.77
N ALA A 1087 13.00 19.20 -8.05
CA ALA A 1087 13.28 17.85 -8.55
C ALA A 1087 13.88 17.90 -9.96
N THR A 1088 14.82 16.99 -10.23
CA THR A 1088 15.46 16.92 -11.55
C THR A 1088 15.68 15.47 -11.93
N GLY A 1089 15.71 15.20 -13.24
CA GLY A 1089 16.01 13.87 -13.76
C GLY A 1089 15.05 12.79 -13.30
N PHE A 1090 13.82 13.16 -12.99
CA PHE A 1090 12.90 12.26 -12.30
C PHE A 1090 11.48 12.60 -12.72
N ILE A 1091 10.74 11.59 -13.12
CA ILE A 1091 9.39 11.76 -13.62
C ILE A 1091 8.42 11.05 -12.69
N ASP A 1092 7.38 11.76 -12.26
CA ASP A 1092 6.48 11.20 -11.27
C ASP A 1092 5.46 10.36 -12.03
N GLY A 1093 5.70 9.05 -12.12
CA GLY A 1093 4.79 8.19 -12.85
C GLY A 1093 3.37 8.22 -12.32
N ASP A 1094 3.21 8.41 -11.00
CA ASP A 1094 1.87 8.59 -10.46
C ASP A 1094 1.17 9.74 -11.16
N LEU A 1095 1.88 10.86 -11.35
CA LEU A 1095 1.31 12.01 -12.02
C LEU A 1095 1.10 11.75 -13.51
N ILE A 1096 2.02 11.04 -14.18
CA ILE A 1096 1.80 10.78 -15.59
C ILE A 1096 0.59 9.86 -15.79
N GLU A 1097 0.39 8.91 -14.88
CA GLU A 1097 -0.71 7.94 -15.05
C GLU A 1097 -2.06 8.57 -14.73
N SER A 1098 -2.08 9.63 -13.93
CA SER A 1098 -3.35 10.31 -13.66
C SER A 1098 -3.94 10.95 -14.92
N PHE A 1099 -3.15 11.07 -16.01
CA PHE A 1099 -3.69 11.54 -17.27
C PHE A 1099 -4.84 10.68 -17.77
N LEU A 1100 -4.85 9.39 -17.42
CA LEU A 1100 -5.86 8.51 -17.97
C LEU A 1100 -7.21 8.68 -17.29
N ASP A 1101 -7.26 9.41 -16.18
CA ASP A 1101 -8.47 9.45 -15.37
C ASP A 1101 -9.09 10.84 -15.31
N ILE A 1102 -8.84 11.66 -16.33
CA ILE A 1102 -9.40 12.99 -16.41
C ILE A 1102 -10.36 13.04 -17.61
N SER A 1103 -11.06 14.18 -17.71
CA SER A 1103 -11.90 14.58 -18.84
C SER A 1103 -11.20 14.36 -20.18
N ARG A 1104 -11.97 14.19 -21.25
CA ARG A 1104 -11.34 14.42 -22.55
C ARG A 1104 -11.39 15.91 -22.89
N PRO A 1105 -12.36 16.71 -22.40
CA PRO A 1105 -12.19 18.17 -22.49
C PRO A 1105 -10.87 18.64 -21.91
N LYS A 1106 -10.49 18.14 -20.72
CA LYS A 1106 -9.24 18.56 -20.12
C LYS A 1106 -8.04 17.85 -20.74
N MET A 1107 -8.23 16.63 -21.29
CA MET A 1107 -7.18 16.01 -22.07
C MET A 1107 -6.73 16.90 -23.24
N GLN A 1108 -7.67 17.57 -23.92
CA GLN A 1108 -7.27 18.40 -25.04
C GLN A 1108 -6.58 19.69 -24.63
N GLU A 1109 -6.76 20.14 -23.38
CA GLU A 1109 -5.97 21.25 -22.86
C GLU A 1109 -4.50 20.86 -22.74
N VAL A 1110 -4.22 19.56 -22.76
CA VAL A 1110 -2.90 19.01 -22.53
C VAL A 1110 -2.31 18.44 -23.82
N VAL A 1111 -2.84 18.82 -24.98
CA VAL A 1111 -2.26 18.32 -26.23
C VAL A 1111 -2.04 19.45 -27.24
N ALA A 1112 -2.02 20.70 -26.79
CA ALA A 1112 -1.86 21.83 -27.70
C ALA A 1112 -0.65 21.66 -28.63
N ASN A 1113 0.46 21.16 -28.10
CA ASN A 1113 1.66 20.92 -28.90
C ASN A 1113 2.11 19.46 -28.81
N GLU A 1125 2.77 17.62 -32.94
CA GLU A 1125 1.69 17.17 -33.82
C GLU A 1125 0.66 16.37 -33.03
N ALA A 1126 0.79 16.37 -31.70
CA ALA A 1126 0.24 15.31 -30.85
C ALA A 1126 -1.29 15.31 -30.78
N THR A 1127 -1.86 14.12 -30.55
CA THR A 1127 -3.30 13.97 -30.34
C THR A 1127 -3.56 13.25 -29.01
N ALA A 1128 -4.73 13.53 -28.41
CA ALA A 1128 -5.05 12.95 -27.11
C ALA A 1128 -5.07 11.43 -27.16
N ASP A 1129 -5.76 10.89 -28.17
CA ASP A 1129 -5.80 9.45 -28.34
C ASP A 1129 -4.40 8.86 -28.51
N ASP A 1130 -3.43 9.66 -28.98
CA ASP A 1130 -2.06 9.19 -29.10
C ASP A 1130 -1.37 9.11 -27.76
N LEU A 1131 -1.70 10.00 -26.83
CA LEU A 1131 -1.00 9.96 -25.55
C LEU A 1131 -1.61 8.97 -24.59
N ILE A 1132 -2.90 8.66 -24.77
CA ILE A 1132 -3.48 7.48 -24.14
C ILE A 1132 -2.59 6.27 -24.40
N LYS A 1133 -2.24 6.05 -25.68
CA LYS A 1133 -1.33 4.96 -26.06
C LYS A 1133 -0.01 5.01 -25.28
N VAL A 1134 0.58 6.20 -25.15
CA VAL A 1134 1.85 6.30 -24.45
C VAL A 1134 1.67 6.01 -22.97
N VAL A 1135 0.65 6.59 -22.33
CA VAL A 1135 0.49 6.43 -20.90
C VAL A 1135 0.05 5.02 -20.57
N GLU A 1136 -0.72 4.38 -21.46
CA GLU A 1136 -1.10 2.99 -21.26
C GLU A 1136 0.12 2.08 -21.31
N GLU A 1137 0.92 2.18 -22.39
CA GLU A 1137 2.15 1.40 -22.47
C GLU A 1137 2.98 1.52 -21.20
N LEU A 1138 2.96 2.68 -20.54
CA LEU A 1138 3.73 2.85 -19.31
C LEU A 1138 3.04 2.26 -18.09
N THR A 1139 1.71 2.06 -18.11
CA THR A 1139 1.06 1.42 -16.95
C THR A 1139 1.35 -0.07 -16.91
N ARG A 1140 1.67 -0.70 -18.06
CA ARG A 1140 2.04 -2.10 -18.23
C ARG A 1140 3.43 -2.42 -17.70
N ILE A 1141 3.99 -1.46 -16.96
CA ILE A 1141 5.37 -1.58 -16.49
C ILE A 1141 5.43 -2.19 -15.10
N HIS A 1142 4.39 -1.97 -14.31
CA HIS A 1142 4.32 -2.54 -12.98
C HIS A 1142 3.02 -3.35 -12.82
N ASN B 1 22.81 3.32 21.37
CA ASN B 1 23.57 2.25 20.71
C ASN B 1 23.23 2.14 19.22
N ALA B 2 24.25 2.28 18.34
CA ALA B 2 24.00 2.48 16.91
C ALA B 2 23.15 1.36 16.32
N VAL B 3 23.46 0.11 16.70
CA VAL B 3 22.79 -1.02 16.09
C VAL B 3 21.31 -1.01 16.43
N GLN B 4 20.99 -0.72 17.68
CA GLN B 4 19.59 -0.66 18.06
C GLN B 4 18.91 0.54 17.43
N LEU B 5 19.55 1.70 17.51
CA LEU B 5 19.03 2.88 16.85
C LEU B 5 18.74 2.60 15.38
N LEU B 6 19.64 1.87 14.72
CA LEU B 6 19.46 1.55 13.31
C LEU B 6 18.33 0.56 13.14
N CYS B 7 18.35 -0.51 13.92
CA CYS B 7 17.25 -1.48 13.92
C CYS B 7 15.91 -0.80 14.16
N ALA B 8 15.88 0.17 15.07
CA ALA B 8 14.65 0.91 15.34
C ALA B 8 14.25 1.75 14.14
N ARG B 9 15.22 2.45 13.55
CA ARG B 9 14.93 3.33 12.42
C ARG B 9 14.37 2.58 11.22
N THR B 10 14.79 1.33 11.02
CA THR B 10 14.31 0.58 9.87
C THR B 10 12.84 0.27 10.05
N ARG B 11 12.43 0.07 11.31
CA ARG B 11 11.01 0.02 11.66
C ARG B 11 10.35 1.38 11.56
N ASP B 12 11.14 2.46 11.50
CA ASP B 12 10.78 3.84 11.90
C ASP B 12 10.05 3.84 13.24
N GLY B 13 10.35 2.86 14.09
CA GLY B 13 9.85 2.82 15.45
C GLY B 13 10.17 4.08 16.26
#